data_4Y90
#
_entry.id   4Y90
#
_cell.length_a   169.620
_cell.length_b   169.620
_cell.length_c   202.266
_cell.angle_alpha   90.00
_cell.angle_beta   90.00
_cell.angle_gamma   120.00
#
_symmetry.space_group_name_H-M   'H 3 2'
#
loop_
_entity.id
_entity.type
_entity.pdbx_description
1 polymer 'Triosephosphate isomerase'
2 non-polymer 'SULFATE ION'
3 non-polymer GLYCEROL
4 non-polymer 'CALCIUM ION'
5 non-polymer 'SODIUM ION'
6 water water
#
_entity_poly.entity_id   1
_entity_poly.type   'polypeptide(L)'
_entity_poly.pdbx_seq_one_letter_code
;GSHMQTLLALNWKMNKTPTEARSWAEELTTKYAPAEGVDLAVLAPALDLSALAANLPAGIAFGGQDVSAHESGAYTGEIS
AAMLKDAGASCVVVGHSERREYHDESDATVAAKARQAQANGLLPIVCVGENLDVRERGEHVPQTLAQLRGSLEGVGADVV
VAYEPVWAIGTGKTATADDAEELAAAIRGALREQYGARAEGIRVLYGGSVKPENIAEICGKPNVNGALVGGASLKVPDVL
GMLDALR
;
_entity_poly.pdbx_strand_id   A,B,C,D
#
loop_
_chem_comp.id
_chem_comp.type
_chem_comp.name
_chem_comp.formula
CA non-polymer 'CALCIUM ION' 'Ca 2'
GOL non-polymer GLYCEROL 'C3 H8 O3'
NA non-polymer 'SODIUM ION' 'Na 1'
SO4 non-polymer 'SULFATE ION' 'O4 S -2'
#
# COMPACT_ATOMS: atom_id res chain seq x y z
N MET A 4 -7.15 -35.60 13.41
CA MET A 4 -6.76 -34.19 13.28
C MET A 4 -7.19 -33.60 11.92
N GLN A 5 -6.82 -32.35 11.67
CA GLN A 5 -7.15 -31.65 10.43
C GLN A 5 -6.34 -32.18 9.24
N THR A 6 -7.00 -32.55 8.14
CA THR A 6 -6.29 -32.71 6.86
C THR A 6 -5.65 -31.37 6.46
N LEU A 7 -4.36 -31.37 6.13
CA LEU A 7 -3.68 -30.14 5.65
C LEU A 7 -3.41 -30.21 4.16
N LEU A 8 -4.03 -29.29 3.43
CA LEU A 8 -3.75 -29.11 2.00
C LEU A 8 -2.73 -27.99 1.82
N ALA A 9 -1.46 -28.39 1.79
CA ALA A 9 -0.32 -27.48 1.64
C ALA A 9 -0.01 -27.26 0.17
N LEU A 10 -0.05 -26.01 -0.27
CA LEU A 10 0.01 -25.67 -1.69
C LEU A 10 1.34 -24.99 -2.02
N ASN A 11 2.25 -25.71 -2.68
CA ASN A 11 3.58 -25.21 -2.99
C ASN A 11 3.65 -24.76 -4.43
N TRP A 12 3.58 -23.45 -4.62
CA TRP A 12 3.68 -22.84 -5.92
C TRP A 12 5.06 -23.00 -6.57
N LYS A 13 6.07 -23.30 -5.76
CA LYS A 13 7.49 -23.29 -6.20
C LYS A 13 7.81 -21.94 -6.83
N MET A 14 8.67 -21.89 -7.85
CA MET A 14 9.01 -20.58 -8.43
C MET A 14 8.03 -20.18 -9.53
N ASN A 15 6.83 -19.84 -9.06
CA ASN A 15 5.75 -19.36 -9.93
C ASN A 15 4.98 -18.22 -9.27
N LYS A 16 4.59 -17.24 -10.11
CA LYS A 16 3.68 -16.14 -9.81
C LYS A 16 4.39 -14.91 -9.26
N THR A 17 4.26 -13.82 -10.00
CA THR A 17 4.67 -12.50 -9.56
C THR A 17 3.73 -12.01 -8.48
N PRO A 18 4.10 -10.95 -7.74
CA PRO A 18 3.16 -10.45 -6.75
C PRO A 18 1.80 -10.07 -7.37
N THR A 19 1.81 -9.45 -8.54
CA THR A 19 0.55 -9.16 -9.27
C THR A 19 -0.27 -10.44 -9.48
N GLU A 20 0.36 -11.52 -9.95
CA GLU A 20 -0.35 -12.77 -10.14
C GLU A 20 -0.81 -13.40 -8.83
N ALA A 21 0.00 -13.27 -7.78
CA ALA A 21 -0.35 -13.81 -6.48
C ALA A 21 -1.63 -13.15 -5.98
N ARG A 22 -1.68 -11.85 -6.09
CA ARG A 22 -2.86 -11.08 -5.69
C ARG A 22 -4.11 -11.56 -6.46
N SER A 23 -4.00 -11.69 -7.77
CA SER A 23 -5.11 -12.16 -8.61
C SER A 23 -5.58 -13.55 -8.21
N TRP A 24 -4.63 -14.44 -7.98
CA TRP A 24 -4.95 -15.77 -7.49
C TRP A 24 -5.67 -15.73 -6.15
N ALA A 25 -5.18 -14.95 -5.18
CA ALA A 25 -5.83 -14.90 -3.86
C ALA A 25 -7.24 -14.27 -3.99
N GLU A 26 -7.40 -13.29 -4.87
CA GLU A 26 -8.71 -12.66 -5.07
C GLU A 26 -9.69 -13.63 -5.68
N GLU A 27 -9.26 -14.34 -6.73
CA GLU A 27 -10.11 -15.35 -7.34
C GLU A 27 -10.46 -16.42 -6.30
N LEU A 28 -9.47 -16.85 -5.53
CA LEU A 28 -9.76 -17.85 -4.53
C LEU A 28 -10.77 -17.31 -3.49
N THR A 29 -10.63 -16.05 -3.11
CA THR A 29 -11.58 -15.45 -2.18
C THR A 29 -13.01 -15.58 -2.70
N THR A 30 -13.22 -15.36 -3.98
CA THR A 30 -14.59 -15.34 -4.48
C THR A 30 -15.16 -16.76 -4.65
N LYS A 31 -14.29 -17.77 -4.75
CA LYS A 31 -14.73 -19.13 -5.05
C LYS A 31 -14.55 -20.14 -3.96
N TYR A 32 -13.90 -19.74 -2.86
CA TYR A 32 -13.55 -20.67 -1.82
C TYR A 32 -14.70 -20.93 -0.84
N ALA A 33 -15.04 -22.20 -0.69
CA ALA A 33 -16.02 -22.63 0.29
C ALA A 33 -15.33 -23.69 1.16
N PRO A 34 -15.13 -23.37 2.46
CA PRO A 34 -14.31 -24.28 3.28
C PRO A 34 -14.87 -25.68 3.32
N ALA A 35 -13.97 -26.65 3.30
CA ALA A 35 -14.30 -28.05 3.52
C ALA A 35 -14.05 -28.45 4.98
N GLU A 36 -14.99 -29.19 5.55
CA GLU A 36 -14.89 -29.72 6.92
C GLU A 36 -13.56 -30.41 7.25
N GLY A 37 -12.84 -29.86 8.22
CA GLY A 37 -11.61 -30.48 8.67
C GLY A 37 -10.43 -30.34 7.73
N VAL A 38 -10.57 -29.50 6.72
CA VAL A 38 -9.50 -29.24 5.79
C VAL A 38 -8.96 -27.83 5.97
N ASP A 39 -7.68 -27.75 6.27
CA ASP A 39 -6.94 -26.50 6.37
C ASP A 39 -6.13 -26.34 5.11
N LEU A 40 -6.02 -25.11 4.63
CA LEU A 40 -5.14 -24.80 3.51
C LEU A 40 -3.99 -23.94 3.95
N ALA A 41 -2.86 -24.12 3.29
CA ALA A 41 -1.73 -23.25 3.44
C ALA A 41 -1.08 -23.03 2.09
N VAL A 42 -0.77 -21.77 1.81
CA VAL A 42 -0.14 -21.40 0.58
C VAL A 42 1.33 -21.07 0.79
N LEU A 43 2.19 -21.81 0.09
CA LEU A 43 3.64 -21.71 0.23
C LEU A 43 4.22 -21.00 -0.99
N ALA A 44 4.61 -19.75 -0.78
CA ALA A 44 4.90 -18.88 -1.91
C ALA A 44 6.31 -18.33 -1.92
N PRO A 45 6.73 -17.84 -3.09
CA PRO A 45 7.93 -16.99 -3.19
C PRO A 45 7.81 -15.86 -2.18
N ALA A 46 8.92 -15.54 -1.51
CA ALA A 46 8.89 -14.65 -0.36
C ALA A 46 8.31 -13.26 -0.69
N LEU A 47 8.54 -12.76 -1.91
CA LEU A 47 8.04 -11.43 -2.25
C LEU A 47 6.57 -11.44 -2.66
N ASP A 48 5.91 -12.59 -2.50
CA ASP A 48 4.47 -12.68 -2.74
C ASP A 48 3.67 -12.68 -1.45
N LEU A 49 4.38 -12.71 -0.31
CA LEU A 49 3.72 -12.90 0.98
C LEU A 49 2.80 -11.72 1.32
N SER A 50 3.23 -10.51 0.96
CA SER A 50 2.47 -9.31 1.26
C SER A 50 1.11 -9.34 0.55
N ALA A 51 1.12 -9.71 -0.73
CA ALA A 51 -0.11 -9.91 -1.52
C ALA A 51 -1.02 -10.93 -0.90
N LEU A 52 -0.45 -12.03 -0.42
CA LEU A 52 -1.25 -13.06 0.18
C LEU A 52 -1.84 -12.61 1.51
N ALA A 53 -1.05 -11.89 2.29
CA ALA A 53 -1.48 -11.43 3.60
C ALA A 53 -2.73 -10.57 3.45
N ALA A 54 -2.71 -9.67 2.47
CA ALA A 54 -3.83 -8.75 2.24
C ALA A 54 -5.05 -9.34 1.55
N ASN A 55 -4.89 -10.45 0.82
CA ASN A 55 -5.94 -10.91 -0.10
C ASN A 55 -6.44 -12.33 0.07
N LEU A 56 -5.76 -13.17 0.85
CA LEU A 56 -6.24 -14.53 1.03
C LEU A 56 -7.47 -14.51 1.90
N PRO A 57 -8.38 -15.45 1.65
CA PRO A 57 -9.58 -15.50 2.47
C PRO A 57 -9.35 -16.12 3.84
N ALA A 58 -10.37 -15.97 4.68
CA ALA A 58 -10.30 -16.32 6.08
C ALA A 58 -9.88 -17.75 6.30
N GLY A 59 -8.94 -17.97 7.19
CA GLY A 59 -8.57 -19.31 7.60
C GLY A 59 -7.51 -19.98 6.72
N ILE A 60 -7.01 -19.27 5.71
CA ILE A 60 -5.97 -19.82 4.85
C ILE A 60 -4.61 -19.24 5.25
N ALA A 61 -3.75 -20.12 5.76
CA ALA A 61 -2.41 -19.75 6.18
C ALA A 61 -1.55 -19.55 4.97
N PHE A 62 -0.41 -18.90 5.16
CA PHE A 62 0.55 -18.75 4.08
C PHE A 62 1.94 -18.76 4.69
N GLY A 63 2.92 -19.08 3.86
CA GLY A 63 4.25 -19.30 4.34
C GLY A 63 5.28 -19.33 3.23
N GLY A 64 6.53 -19.57 3.63
CA GLY A 64 7.65 -19.56 2.70
C GLY A 64 8.04 -20.94 2.18
N GLN A 65 9.02 -20.96 1.27
CA GLN A 65 9.46 -22.18 0.60
C GLN A 65 10.89 -22.59 1.03
N ASP A 66 11.49 -21.76 1.87
CA ASP A 66 12.84 -21.93 2.37
C ASP A 66 13.10 -20.82 3.39
N VAL A 67 14.12 -20.99 4.23
CA VAL A 67 14.48 -20.04 5.26
C VAL A 67 15.98 -20.25 5.55
N SER A 68 16.67 -19.18 5.92
CA SER A 68 18.07 -19.26 6.21
C SER A 68 18.35 -20.12 7.43
N ALA A 69 19.53 -20.72 7.47
CA ALA A 69 19.97 -21.38 8.69
C ALA A 69 20.47 -20.39 9.73
N HIS A 70 20.61 -19.11 9.36
CA HIS A 70 21.12 -18.10 10.30
C HIS A 70 20.04 -17.11 10.65
N GLU A 71 20.29 -16.38 11.72
CA GLU A 71 19.32 -15.48 12.29
C GLU A 71 19.29 -14.15 11.52
N SER A 72 20.48 -13.69 11.17
CA SER A 72 20.69 -12.41 10.53
C SER A 72 22.15 -12.34 10.12
N GLY A 73 22.48 -11.43 9.21
CA GLY A 73 23.87 -11.10 8.97
C GLY A 73 24.31 -11.15 7.52
N ALA A 74 25.59 -11.43 7.34
CA ALA A 74 26.26 -11.31 6.04
C ALA A 74 26.03 -12.53 5.16
N TYR A 75 24.77 -12.72 4.77
CA TYR A 75 24.36 -13.83 3.91
C TYR A 75 23.53 -13.35 2.73
N THR A 76 24.21 -12.76 1.75
CA THR A 76 23.52 -12.06 0.66
C THR A 76 22.59 -13.00 -0.06
N GLY A 77 21.35 -12.54 -0.23
CA GLY A 77 20.35 -13.30 -0.94
C GLY A 77 19.55 -14.27 -0.09
N GLU A 78 19.90 -14.40 1.18
CA GLU A 78 19.14 -15.28 2.06
C GLU A 78 18.08 -14.52 2.81
N ILE A 79 17.04 -15.26 3.20
CA ILE A 79 15.90 -14.70 3.91
C ILE A 79 15.68 -15.42 5.24
N SER A 80 15.54 -14.64 6.31
CA SER A 80 15.51 -15.20 7.66
C SER A 80 14.12 -15.52 8.20
N ALA A 81 14.09 -16.38 9.22
CA ALA A 81 12.85 -16.74 9.86
C ALA A 81 12.14 -15.52 10.45
N ALA A 82 12.91 -14.61 11.01
CA ALA A 82 12.34 -13.40 11.60
C ALA A 82 11.68 -12.57 10.51
N MET A 83 12.28 -12.53 9.32
CA MET A 83 11.68 -11.79 8.21
C MET A 83 10.33 -12.39 7.78
N LEU A 84 10.30 -13.71 7.68
CA LEU A 84 9.11 -14.41 7.22
C LEU A 84 7.97 -14.19 8.23
N LYS A 85 8.31 -14.28 9.51
CA LYS A 85 7.32 -14.13 10.57
C LYS A 85 6.70 -12.74 10.46
N ASP A 86 7.56 -11.75 10.36
CA ASP A 86 7.13 -10.36 10.32
C ASP A 86 6.24 -10.09 9.12
N ALA A 87 6.43 -10.86 8.06
CA ALA A 87 5.63 -10.72 6.86
C ALA A 87 4.26 -11.40 6.99
N GLY A 88 4.04 -12.14 8.07
CA GLY A 88 2.76 -12.83 8.29
C GLY A 88 2.79 -14.34 8.06
N ALA A 89 3.93 -14.85 7.60
CA ALA A 89 4.09 -16.30 7.39
C ALA A 89 3.79 -17.01 8.71
N SER A 90 3.15 -18.15 8.62
CA SER A 90 2.96 -19.00 9.80
C SER A 90 3.61 -20.37 9.61
N CYS A 91 4.18 -20.63 8.42
CA CYS A 91 4.87 -21.88 8.17
C CYS A 91 5.93 -21.70 7.10
N VAL A 92 6.76 -22.72 6.91
CA VAL A 92 7.79 -22.66 5.86
C VAL A 92 8.29 -24.06 5.52
N VAL A 93 8.47 -24.29 4.22
CA VAL A 93 9.05 -25.53 3.72
C VAL A 93 10.52 -25.51 3.97
N VAL A 94 11.04 -26.62 4.49
CA VAL A 94 12.48 -26.80 4.59
C VAL A 94 12.90 -28.19 4.08
N GLY A 95 14.05 -28.24 3.42
CA GLY A 95 14.56 -29.50 2.90
C GLY A 95 13.81 -30.09 1.73
N HIS A 96 13.10 -29.24 0.98
CA HIS A 96 12.47 -29.76 -0.24
C HIS A 96 13.52 -30.45 -1.11
N SER A 97 13.13 -31.55 -1.73
CA SER A 97 14.00 -32.31 -2.60
C SER A 97 14.75 -31.41 -3.62
N GLU A 98 14.07 -30.41 -4.16
CA GLU A 98 14.69 -29.53 -5.15
C GLU A 98 15.85 -28.76 -4.53
N ARG A 99 15.74 -28.39 -3.26
CA ARG A 99 16.82 -27.71 -2.59
C ARG A 99 17.93 -28.65 -2.10
N ARG A 100 17.57 -29.87 -1.69
CA ARG A 100 18.60 -30.86 -1.38
C ARG A 100 19.46 -31.14 -2.61
N GLU A 101 18.82 -31.20 -3.77
CA GLU A 101 19.50 -31.57 -5.01
C GLU A 101 20.19 -30.37 -5.62
N TYR A 102 19.47 -29.25 -5.79
CA TYR A 102 20.04 -28.09 -6.49
C TYR A 102 20.88 -27.21 -5.60
N HIS A 103 20.62 -27.22 -4.29
CA HIS A 103 21.35 -26.33 -3.41
C HIS A 103 22.14 -27.08 -2.35
N ASP A 104 22.34 -28.38 -2.57
CA ASP A 104 23.18 -29.22 -1.71
C ASP A 104 22.86 -29.13 -0.23
N GLU A 105 21.60 -28.99 0.11
CA GLU A 105 21.23 -28.88 1.53
C GLU A 105 21.36 -30.25 2.17
N SER A 106 22.20 -30.34 3.20
CA SER A 106 22.33 -31.53 4.03
C SER A 106 21.19 -31.66 5.06
N ASP A 107 21.08 -32.86 5.63
CA ASP A 107 20.14 -33.11 6.74
C ASP A 107 20.35 -32.12 7.89
N ALA A 108 21.61 -31.90 8.23
CA ALA A 108 21.95 -31.03 9.37
C ALA A 108 21.53 -29.59 9.08
N THR A 109 21.70 -29.18 7.82
CA THR A 109 21.25 -27.84 7.39
C THR A 109 19.72 -27.71 7.52
N VAL A 110 19.00 -28.75 7.11
CA VAL A 110 17.56 -28.74 7.19
C VAL A 110 17.14 -28.60 8.66
N ALA A 111 17.82 -29.35 9.53
CA ALA A 111 17.48 -29.33 10.94
C ALA A 111 17.71 -27.94 11.49
N ALA A 112 18.80 -27.29 11.08
CA ALA A 112 19.07 -25.92 11.53
C ALA A 112 18.00 -24.95 11.02
N LYS A 113 17.54 -25.14 9.77
CA LYS A 113 16.54 -24.27 9.22
C LYS A 113 15.25 -24.46 9.99
N ALA A 114 14.95 -25.71 10.31
CA ALA A 114 13.70 -26.02 11.02
C ALA A 114 13.71 -25.35 12.40
N ARG A 115 14.88 -25.34 13.05
CA ARG A 115 15.01 -24.72 14.37
C ARG A 115 14.87 -23.21 14.29
N GLN A 116 15.36 -22.58 13.22
CA GLN A 116 15.17 -21.14 13.04
C GLN A 116 13.68 -20.83 12.93
N ALA A 117 12.98 -21.67 12.17
CA ALA A 117 11.55 -21.51 11.99
C ALA A 117 10.86 -21.53 13.36
N GLN A 118 11.13 -22.58 14.13
CA GLN A 118 10.48 -22.77 15.44
C GLN A 118 10.85 -21.66 16.41
N ALA A 119 12.07 -21.14 16.33
CA ALA A 119 12.48 -20.03 17.19
C ALA A 119 11.76 -18.72 16.86
N ASN A 120 11.12 -18.64 15.71
CA ASN A 120 10.41 -17.43 15.29
C ASN A 120 8.94 -17.67 15.02
N GLY A 121 8.37 -18.64 15.72
CA GLY A 121 6.94 -18.90 15.66
C GLY A 121 6.41 -19.34 14.30
N LEU A 122 7.24 -20.06 13.54
CA LEU A 122 6.87 -20.62 12.24
C LEU A 122 6.80 -22.15 12.35
N LEU A 123 5.84 -22.75 11.67
CA LEU A 123 5.73 -24.22 11.63
C LEU A 123 6.57 -24.75 10.47
N PRO A 124 7.69 -25.43 10.76
CA PRO A 124 8.44 -26.00 9.62
C PRO A 124 7.76 -27.22 9.00
N ILE A 125 7.82 -27.30 7.67
CA ILE A 125 7.39 -28.47 6.91
C ILE A 125 8.63 -29.13 6.36
N VAL A 126 9.04 -30.21 7.02
CA VAL A 126 10.29 -30.89 6.74
C VAL A 126 10.07 -32.00 5.71
N CYS A 127 10.72 -31.89 4.57
CA CYS A 127 10.54 -32.84 3.49
C CYS A 127 11.62 -33.90 3.51
N VAL A 128 11.19 -35.14 3.30
CA VAL A 128 12.06 -36.28 3.19
C VAL A 128 11.56 -37.17 2.06
N GLY A 129 12.44 -38.00 1.52
CA GLY A 129 12.02 -38.94 0.50
C GLY A 129 13.17 -39.45 -0.33
N GLU A 130 13.01 -40.67 -0.82
CA GLU A 130 14.07 -41.40 -1.53
C GLU A 130 14.06 -41.26 -3.05
N ASN A 131 15.21 -41.44 -3.69
CA ASN A 131 15.24 -41.45 -5.14
C ASN A 131 14.87 -42.82 -5.68
N LEU A 132 14.84 -42.92 -7.01
CA LEU A 132 14.35 -44.11 -7.68
C LEU A 132 15.25 -45.31 -7.39
N ASP A 133 16.53 -45.04 -7.35
CA ASP A 133 17.53 -46.06 -7.05
C ASP A 133 17.27 -46.76 -5.70
N VAL A 134 17.04 -45.97 -4.67
CA VAL A 134 16.76 -46.48 -3.33
C VAL A 134 15.45 -47.25 -3.36
N ARG A 135 14.46 -46.73 -4.08
CA ARG A 135 13.16 -47.39 -4.17
C ARG A 135 13.32 -48.76 -4.85
N GLU A 136 14.10 -48.83 -5.92
CA GLU A 136 14.30 -50.07 -6.66
C GLU A 136 15.07 -51.13 -5.87
N ARG A 137 15.88 -50.70 -4.90
CA ARG A 137 16.50 -51.62 -3.95
C ARG A 137 15.54 -52.07 -2.87
N GLY A 138 14.38 -51.46 -2.84
CA GLY A 138 13.40 -51.72 -1.79
C GLY A 138 13.79 -51.18 -0.42
N GLU A 139 14.67 -50.18 -0.39
CA GLU A 139 15.14 -49.63 0.88
C GLU A 139 14.60 -48.26 1.19
N HIS A 140 13.44 -47.96 0.62
CA HIS A 140 12.83 -46.65 0.76
C HIS A 140 12.50 -46.29 2.23
N VAL A 141 12.07 -47.26 3.03
CA VAL A 141 11.71 -46.97 4.43
C VAL A 141 12.95 -46.70 5.28
N PRO A 142 13.90 -47.65 5.36
CA PRO A 142 15.07 -47.34 6.23
C PRO A 142 15.85 -46.10 5.77
N GLN A 143 15.99 -45.86 4.49
CA GLN A 143 16.74 -44.66 4.07
C GLN A 143 15.96 -43.36 4.34
N THR A 144 14.67 -43.36 4.10
CA THR A 144 13.87 -42.19 4.42
C THR A 144 13.86 -41.92 5.95
N LEU A 145 13.75 -42.96 6.77
CA LEU A 145 13.79 -42.75 8.21
C LEU A 145 15.16 -42.28 8.68
N ALA A 146 16.23 -42.71 8.01
CA ALA A 146 17.55 -42.22 8.39
C ALA A 146 17.62 -40.74 8.05
N GLN A 147 17.08 -40.36 6.89
CA GLN A 147 17.01 -38.96 6.51
C GLN A 147 16.16 -38.14 7.49
N LEU A 148 15.07 -38.73 7.99
CA LEU A 148 14.20 -38.04 8.92
C LEU A 148 14.91 -37.75 10.24
N ARG A 149 15.62 -38.74 10.78
CA ARG A 149 16.33 -38.57 12.05
C ARG A 149 17.28 -37.40 11.96
N GLY A 150 18.03 -37.37 10.88
CA GLY A 150 19.01 -36.32 10.70
C GLY A 150 18.37 -34.95 10.51
N SER A 151 17.24 -34.90 9.79
CA SER A 151 16.59 -33.61 9.47
C SER A 151 15.82 -33.05 10.66
N LEU A 152 15.50 -33.92 11.63
CA LEU A 152 14.77 -33.51 12.83
C LEU A 152 15.67 -33.45 14.07
N GLU A 153 16.97 -33.53 13.87
CA GLU A 153 17.91 -33.52 14.99
C GLU A 153 17.82 -32.19 15.75
N GLY A 154 17.27 -32.20 16.97
CA GLY A 154 17.06 -30.97 17.73
C GLY A 154 15.83 -30.12 17.35
N VAL A 155 14.97 -30.69 16.53
CA VAL A 155 13.72 -30.07 16.12
C VAL A 155 12.62 -30.46 17.07
N GLY A 156 11.84 -29.47 17.51
CA GLY A 156 10.72 -29.70 18.40
C GLY A 156 9.51 -30.33 17.72
N ALA A 157 8.54 -30.75 18.53
CA ALA A 157 7.38 -31.52 18.02
C ALA A 157 6.39 -30.69 17.21
N ASP A 158 6.50 -29.38 17.24
CA ASP A 158 5.66 -28.53 16.40
C ASP A 158 6.28 -28.47 15.01
N VAL A 159 6.02 -29.54 14.26
CA VAL A 159 6.64 -29.76 12.97
C VAL A 159 5.63 -30.53 12.13
N VAL A 160 5.78 -30.39 10.82
CA VAL A 160 5.05 -31.18 9.86
C VAL A 160 6.11 -31.92 9.06
N VAL A 161 5.87 -33.22 8.81
CA VAL A 161 6.74 -34.01 7.97
C VAL A 161 6.05 -34.29 6.64
N ALA A 162 6.74 -34.01 5.54
CA ALA A 162 6.18 -34.25 4.21
C ALA A 162 7.02 -35.32 3.53
N TYR A 163 6.40 -36.45 3.24
CA TYR A 163 7.07 -37.49 2.49
C TYR A 163 6.82 -37.28 0.98
N GLU A 164 7.88 -36.95 0.24
CA GLU A 164 7.80 -36.77 -1.20
C GLU A 164 8.83 -37.66 -1.84
N PRO A 165 8.39 -38.77 -2.44
CA PRO A 165 9.42 -39.56 -3.10
C PRO A 165 9.92 -38.83 -4.33
N VAL A 166 11.24 -38.74 -4.50
CA VAL A 166 11.81 -37.89 -5.53
C VAL A 166 11.31 -38.29 -6.92
N TRP A 167 11.10 -39.58 -7.12
CA TRP A 167 10.64 -40.08 -8.40
C TRP A 167 9.19 -39.72 -8.67
N ALA A 168 8.49 -39.15 -7.67
CA ALA A 168 7.10 -38.72 -7.87
C ALA A 168 6.99 -37.21 -8.14
N ILE A 169 8.10 -36.49 -8.02
CA ILE A 169 8.07 -35.02 -8.11
C ILE A 169 8.18 -34.52 -9.58
N GLY A 170 7.10 -33.92 -10.08
CA GLY A 170 7.04 -33.36 -11.42
C GLY A 170 6.98 -34.39 -12.53
N THR A 171 6.87 -35.67 -12.18
CA THR A 171 7.01 -36.75 -13.14
C THR A 171 5.65 -37.31 -13.59
N GLY A 172 4.60 -36.99 -12.86
CA GLY A 172 3.32 -37.63 -13.08
C GLY A 172 3.19 -38.98 -12.39
N LYS A 173 4.28 -39.52 -11.86
CA LYS A 173 4.22 -40.85 -11.27
C LYS A 173 3.91 -40.80 -9.76
N THR A 174 2.62 -40.62 -9.45
CA THR A 174 2.18 -40.56 -8.07
C THR A 174 2.40 -41.87 -7.38
N ALA A 175 2.90 -41.84 -6.14
CA ALA A 175 2.89 -43.06 -5.34
C ALA A 175 1.44 -43.58 -5.21
N THR A 176 1.29 -44.88 -5.09
CA THR A 176 -0.01 -45.44 -4.75
C THR A 176 -0.36 -45.04 -3.32
N ALA A 177 -1.65 -45.04 -3.00
CA ALA A 177 -2.08 -44.71 -1.65
C ALA A 177 -1.45 -45.67 -0.66
N ASP A 178 -1.30 -46.92 -1.06
CA ASP A 178 -0.70 -47.93 -0.22
C ASP A 178 0.75 -47.62 0.08
N ASP A 179 1.49 -47.17 -0.94
CA ASP A 179 2.89 -46.81 -0.74
C ASP A 179 3.04 -45.51 0.10
N ALA A 180 2.09 -44.58 -0.06
CA ALA A 180 2.11 -43.37 0.78
C ALA A 180 1.86 -43.77 2.26
N GLU A 181 0.91 -44.68 2.49
CA GLU A 181 0.61 -45.10 3.85
C GLU A 181 1.79 -45.90 4.41
N GLU A 182 2.51 -46.65 3.59
CA GLU A 182 3.63 -47.43 4.10
C GLU A 182 4.64 -46.50 4.74
N LEU A 183 4.96 -45.42 4.04
CA LEU A 183 5.94 -44.50 4.59
C LEU A 183 5.34 -43.70 5.74
N ALA A 184 4.07 -43.30 5.65
CA ALA A 184 3.48 -42.49 6.72
C ALA A 184 3.44 -43.24 8.06
N ALA A 185 3.12 -44.53 7.99
CA ALA A 185 3.05 -45.39 9.15
C ALA A 185 4.45 -45.65 9.73
N ALA A 186 5.45 -45.80 8.88
CA ALA A 186 6.82 -45.99 9.34
C ALA A 186 7.36 -44.70 9.97
N ILE A 187 7.04 -43.58 9.31
CA ILE A 187 7.42 -42.27 9.82
C ILE A 187 6.78 -42.03 11.20
N ARG A 188 5.51 -42.36 11.34
CA ARG A 188 4.89 -42.20 12.63
C ARG A 188 5.57 -43.06 13.70
N GLY A 189 6.04 -44.25 13.35
CA GLY A 189 6.74 -45.08 14.33
C GLY A 189 8.04 -44.40 14.76
N ALA A 190 8.71 -43.74 13.84
CA ALA A 190 9.95 -43.05 14.20
C ALA A 190 9.65 -41.80 15.07
N LEU A 191 8.57 -41.10 14.75
CA LEU A 191 8.15 -39.93 15.50
C LEU A 191 7.83 -40.30 16.95
N ARG A 192 7.28 -41.50 17.17
CA ARG A 192 6.98 -41.93 18.53
C ARG A 192 8.28 -42.17 19.29
N GLU A 193 9.31 -42.70 18.65
CA GLU A 193 10.61 -42.88 19.31
C GLU A 193 11.16 -41.53 19.74
N GLN A 194 10.98 -40.53 18.88
CA GLN A 194 11.65 -39.25 19.11
C GLN A 194 10.84 -38.34 19.99
N TYR A 195 9.51 -38.40 19.85
CA TYR A 195 8.61 -37.43 20.47
C TYR A 195 7.58 -38.04 21.41
N GLY A 196 7.53 -39.36 21.50
CA GLY A 196 6.55 -40.00 22.39
C GLY A 196 5.13 -39.71 21.99
N ALA A 197 4.29 -39.34 22.95
CA ALA A 197 2.87 -39.24 22.72
C ALA A 197 2.52 -38.10 21.78
N ARG A 198 3.34 -37.06 21.77
CA ARG A 198 3.17 -35.94 20.85
C ARG A 198 3.14 -36.41 19.38
N ALA A 199 3.75 -37.55 19.08
CA ALA A 199 3.80 -38.06 17.70
C ALA A 199 2.42 -38.23 17.08
N GLU A 200 1.42 -38.52 17.91
CA GLU A 200 0.07 -38.77 17.38
C GLU A 200 -0.56 -37.51 16.78
N GLY A 201 -0.08 -36.35 17.18
CA GLY A 201 -0.59 -35.10 16.62
C GLY A 201 0.28 -34.47 15.55
N ILE A 202 1.42 -35.09 15.25
CA ILE A 202 2.31 -34.56 14.23
C ILE A 202 1.73 -34.93 12.86
N ARG A 203 1.49 -33.92 12.05
CA ARG A 203 0.92 -34.12 10.74
CA ARG A 203 0.91 -34.15 10.75
C ARG A 203 1.97 -34.68 9.79
N VAL A 204 1.61 -35.75 9.09
CA VAL A 204 2.46 -36.36 8.06
C VAL A 204 1.76 -36.24 6.71
N LEU A 205 2.43 -35.59 5.77
CA LEU A 205 1.86 -35.34 4.44
C LEU A 205 2.51 -36.26 3.41
N TYR A 206 1.77 -36.59 2.35
CA TYR A 206 2.33 -37.10 1.12
C TYR A 206 2.42 -36.01 0.04
N GLY A 207 3.51 -36.00 -0.72
CA GLY A 207 3.61 -35.11 -1.87
C GLY A 207 4.26 -35.79 -3.07
N GLY A 208 3.92 -35.33 -4.27
CA GLY A 208 4.53 -35.85 -5.48
C GLY A 208 3.43 -36.27 -6.42
N SER A 209 3.21 -35.42 -7.42
CA SER A 209 2.18 -35.66 -8.43
C SER A 209 0.77 -35.87 -7.80
N VAL A 210 0.46 -35.10 -6.79
CA VAL A 210 -0.89 -35.11 -6.23
C VAL A 210 -1.84 -34.34 -7.17
N LYS A 211 -3.00 -34.94 -7.42
CA LYS A 211 -4.04 -34.36 -8.25
C LYS A 211 -5.42 -34.49 -7.61
N PRO A 212 -6.38 -33.69 -8.10
CA PRO A 212 -7.77 -33.85 -7.63
C PRO A 212 -8.21 -35.30 -7.69
N GLU A 213 -7.81 -36.03 -8.74
CA GLU A 213 -8.25 -37.40 -8.91
C GLU A 213 -7.61 -38.42 -7.97
N ASN A 214 -6.47 -38.12 -7.35
CA ASN A 214 -5.81 -39.12 -6.51
C ASN A 214 -5.72 -38.74 -5.03
N ILE A 215 -6.11 -37.51 -4.69
CA ILE A 215 -5.77 -37.00 -3.38
C ILE A 215 -6.62 -37.62 -2.28
N ALA A 216 -7.88 -37.92 -2.57
CA ALA A 216 -8.77 -38.45 -1.55
C ALA A 216 -8.29 -39.82 -1.02
N GLU A 217 -7.91 -40.72 -1.92
CA GLU A 217 -7.51 -42.05 -1.48
C GLU A 217 -6.20 -42.02 -0.68
N ILE A 218 -5.27 -41.15 -1.07
CA ILE A 218 -4.05 -40.92 -0.30
C ILE A 218 -4.37 -40.33 1.07
N CYS A 219 -5.14 -39.24 1.12
CA CYS A 219 -5.37 -38.56 2.40
C CYS A 219 -6.24 -39.38 3.36
N GLY A 220 -6.99 -40.33 2.82
CA GLY A 220 -7.84 -41.19 3.63
C GLY A 220 -7.10 -42.29 4.37
N LYS A 221 -5.81 -42.46 4.06
CA LYS A 221 -5.03 -43.51 4.72
C LYS A 221 -4.82 -43.12 6.18
N PRO A 222 -4.73 -44.12 7.07
CA PRO A 222 -4.73 -43.93 8.54
C PRO A 222 -3.67 -42.99 9.06
N ASN A 223 -2.49 -43.02 8.46
CA ASN A 223 -1.39 -42.20 8.93
C ASN A 223 -1.04 -41.00 8.05
N VAL A 224 -1.80 -40.78 6.99
CA VAL A 224 -1.59 -39.62 6.11
C VAL A 224 -2.55 -38.49 6.52
N ASN A 225 -2.01 -37.30 6.79
CA ASN A 225 -2.81 -36.20 7.35
C ASN A 225 -2.92 -35.02 6.39
N GLY A 226 -2.54 -35.25 5.14
CA GLY A 226 -2.73 -34.24 4.12
C GLY A 226 -1.76 -34.40 2.97
N ALA A 227 -1.68 -33.37 2.14
CA ALA A 227 -0.85 -33.43 0.94
C ALA A 227 -0.01 -32.19 0.78
N LEU A 228 1.17 -32.37 0.21
CA LEU A 228 1.99 -31.24 -0.20
C LEU A 228 1.90 -31.21 -1.70
N VAL A 229 1.26 -30.18 -2.23
CA VAL A 229 0.87 -30.17 -3.65
C VAL A 229 1.72 -29.18 -4.44
N GLY A 230 2.27 -29.65 -5.55
CA GLY A 230 3.06 -28.85 -6.46
C GLY A 230 2.24 -28.25 -7.60
N GLY A 231 2.38 -28.82 -8.79
CA GLY A 231 1.76 -28.26 -9.98
C GLY A 231 0.24 -28.02 -9.88
N ALA A 232 -0.46 -28.91 -9.21
CA ALA A 232 -1.90 -28.76 -9.09
C ALA A 232 -2.31 -27.56 -8.22
N SER A 233 -1.34 -26.89 -7.61
CA SER A 233 -1.65 -25.74 -6.75
C SER A 233 -1.74 -24.45 -7.54
N LEU A 234 -1.32 -24.47 -8.80
CA LEU A 234 -1.12 -23.20 -9.50
C LEU A 234 -2.42 -22.59 -10.05
N LYS A 235 -3.37 -23.43 -10.44
CA LYS A 235 -4.66 -22.97 -10.94
C LYS A 235 -5.74 -23.13 -9.87
N VAL A 236 -6.49 -22.07 -9.61
CA VAL A 236 -7.52 -22.11 -8.58
C VAL A 236 -8.50 -23.25 -8.83
N PRO A 237 -8.92 -23.49 -10.09
CA PRO A 237 -9.84 -24.62 -10.31
C PRO A 237 -9.29 -25.98 -9.83
N ASP A 238 -7.98 -26.20 -9.97
CA ASP A 238 -7.39 -27.42 -9.44
C ASP A 238 -7.44 -27.46 -7.90
N VAL A 239 -7.19 -26.33 -7.26
CA VAL A 239 -7.35 -26.25 -5.82
C VAL A 239 -8.79 -26.60 -5.42
N LEU A 240 -9.77 -26.08 -6.15
CA LEU A 240 -11.16 -26.35 -5.82
C LEU A 240 -11.56 -27.82 -6.00
N GLY A 241 -10.98 -28.49 -7.00
CA GLY A 241 -11.24 -29.91 -7.21
C GLY A 241 -10.61 -30.76 -6.12
N MET A 242 -9.42 -30.38 -5.65
CA MET A 242 -8.76 -31.16 -4.59
C MET A 242 -9.58 -31.00 -3.35
N LEU A 243 -10.05 -29.77 -3.14
CA LEU A 243 -10.92 -29.49 -2.02
C LEU A 243 -12.19 -30.35 -2.06
N ASP A 244 -12.83 -30.42 -3.23
CA ASP A 244 -14.02 -31.26 -3.41
C ASP A 244 -13.77 -32.70 -3.04
N ALA A 245 -12.62 -33.21 -3.47
CA ALA A 245 -12.24 -34.59 -3.23
C ALA A 245 -12.07 -34.87 -1.73
N LEU A 246 -11.81 -33.83 -0.94
CA LEU A 246 -11.66 -34.00 0.51
C LEU A 246 -12.93 -33.66 1.29
N ARG A 247 -14.00 -33.28 0.60
CA ARG A 247 -15.22 -32.86 1.29
C ARG A 247 -15.94 -34.04 1.98
N MET B 4 28.92 9.84 -16.76
CA MET B 4 28.85 8.67 -15.88
C MET B 4 28.22 9.06 -14.51
N GLN B 5 27.05 8.49 -14.22
CA GLN B 5 26.47 8.62 -12.89
C GLN B 5 27.26 7.79 -11.88
N THR B 6 27.82 8.43 -10.86
CA THR B 6 28.37 7.70 -9.73
C THR B 6 27.23 6.88 -9.11
N LEU B 7 27.55 5.68 -8.64
CA LEU B 7 26.52 4.76 -8.11
C LEU B 7 26.86 4.31 -6.70
N LEU B 8 25.96 4.62 -5.78
CA LEU B 8 26.12 4.18 -4.40
C LEU B 8 25.13 3.05 -4.13
N ALA B 9 25.62 1.82 -4.23
CA ALA B 9 24.80 0.62 -4.10
C ALA B 9 24.89 0.12 -2.65
N LEU B 10 23.73 -0.11 -2.05
CA LEU B 10 23.61 -0.40 -0.62
C LEU B 10 23.10 -1.82 -0.37
N ASN B 11 24.02 -2.72 -0.07
CA ASN B 11 23.67 -4.13 0.14
C ASN B 11 23.43 -4.45 1.62
N TRP B 12 22.15 -4.50 2.03
CA TRP B 12 21.77 -4.87 3.39
C TRP B 12 22.11 -6.29 3.77
N LYS B 13 22.38 -7.13 2.79
CA LYS B 13 22.52 -8.55 3.04
C LYS B 13 21.30 -9.03 3.80
N MET B 14 21.46 -9.99 4.72
CA MET B 14 20.30 -10.56 5.36
C MET B 14 20.01 -9.81 6.63
N ASN B 15 19.53 -8.59 6.45
CA ASN B 15 19.13 -7.71 7.54
C ASN B 15 17.85 -6.95 7.18
N LYS B 16 17.00 -6.77 8.19
CA LYS B 16 15.78 -5.97 8.19
C LYS B 16 14.55 -6.75 7.75
N THR B 17 13.63 -6.86 8.68
CA THR B 17 12.29 -7.31 8.39
C THR B 17 11.59 -6.28 7.55
N PRO B 18 10.43 -6.62 6.98
CA PRO B 18 9.67 -5.60 6.26
C PRO B 18 9.32 -4.37 7.13
N THR B 19 9.05 -4.59 8.41
CA THR B 19 8.77 -3.47 9.30
C THR B 19 9.99 -2.55 9.43
N GLU B 20 11.18 -3.13 9.61
CA GLU B 20 12.39 -2.32 9.74
C GLU B 20 12.73 -1.66 8.42
N ALA B 21 12.43 -2.30 7.29
CA ALA B 21 12.71 -1.70 6.00
C ALA B 21 11.87 -0.42 5.84
N ARG B 22 10.63 -0.47 6.30
CA ARG B 22 9.73 0.67 6.12
C ARG B 22 10.22 1.87 6.98
N SER B 23 10.55 1.62 8.24
CA SER B 23 11.11 2.64 9.12
C SER B 23 12.40 3.26 8.59
N TRP B 24 13.28 2.42 8.06
CA TRP B 24 14.54 2.86 7.46
C TRP B 24 14.26 3.76 6.28
N ALA B 25 13.33 3.36 5.44
CA ALA B 25 13.05 4.12 4.24
C ALA B 25 12.32 5.41 4.61
N GLU B 26 11.46 5.35 5.63
CA GLU B 26 10.83 6.57 6.16
C GLU B 26 11.93 7.53 6.69
N GLU B 27 12.89 7.02 7.45
CA GLU B 27 13.98 7.85 7.96
C GLU B 27 14.84 8.42 6.83
N LEU B 28 15.19 7.59 5.83
CA LEU B 28 15.95 8.09 4.68
C LEU B 28 15.21 9.22 3.95
N THR B 29 13.91 9.06 3.80
CA THR B 29 13.06 10.07 3.19
C THR B 29 13.18 11.43 3.87
N THR B 30 13.19 11.45 5.20
CA THR B 30 13.22 12.73 5.90
C THR B 30 14.56 13.37 5.69
N LYS B 31 15.60 12.56 5.52
CA LYS B 31 16.95 13.10 5.52
C LYS B 31 17.63 13.12 4.15
N TYR B 32 16.93 12.70 3.10
CA TYR B 32 17.61 12.53 1.82
C TYR B 32 17.55 13.83 1.03
N ALA B 33 18.74 14.31 0.67
CA ALA B 33 18.88 15.42 -0.28
C ALA B 33 19.79 14.99 -1.46
N PRO B 34 19.22 14.93 -2.68
CA PRO B 34 19.95 14.44 -3.86
C PRO B 34 21.27 15.14 -4.10
N ALA B 35 22.26 14.35 -4.52
CA ALA B 35 23.55 14.86 -4.93
C ALA B 35 23.68 14.70 -6.41
N GLU B 36 23.95 15.79 -7.13
CA GLU B 36 23.94 15.65 -8.57
C GLU B 36 25.15 14.82 -8.94
N GLY B 37 24.94 13.90 -9.87
CA GLY B 37 25.96 12.95 -10.23
C GLY B 37 25.90 11.63 -9.47
N VAL B 38 24.99 11.46 -8.51
CA VAL B 38 25.00 10.25 -7.68
C VAL B 38 23.63 9.59 -7.63
N ASP B 39 23.58 8.31 -8.05
CA ASP B 39 22.40 7.45 -7.87
C ASP B 39 22.59 6.55 -6.66
N LEU B 40 21.51 6.35 -5.91
CA LEU B 40 21.47 5.38 -4.83
C LEU B 40 20.63 4.18 -5.23
N ALA B 41 21.06 3.01 -4.79
CA ALA B 41 20.28 1.81 -4.96
C ALA B 41 20.36 0.97 -3.70
N VAL B 42 19.21 0.53 -3.24
CA VAL B 42 19.07 -0.26 -2.05
C VAL B 42 18.80 -1.70 -2.46
N LEU B 43 19.71 -2.58 -2.07
CA LEU B 43 19.63 -4.00 -2.40
C LEU B 43 19.23 -4.76 -1.15
N ALA B 44 17.98 -5.21 -1.17
CA ALA B 44 17.34 -5.72 0.02
C ALA B 44 16.84 -7.15 -0.17
N PRO B 45 16.56 -7.84 0.95
CA PRO B 45 15.85 -9.11 0.98
C PRO B 45 14.56 -9.01 0.20
N ALA B 46 14.20 -10.05 -0.52
CA ALA B 46 13.17 -9.90 -1.57
C ALA B 46 11.81 -9.51 -0.94
N LEU B 47 11.53 -9.98 0.28
CA LEU B 47 10.26 -9.66 0.92
C LEU B 47 10.21 -8.27 1.56
N ASP B 48 11.26 -7.48 1.39
CA ASP B 48 11.29 -6.08 1.83
C ASP B 48 11.04 -5.13 0.68
N LEU B 49 10.93 -5.65 -0.54
CA LEU B 49 10.86 -4.81 -1.72
C LEU B 49 9.57 -4.01 -1.77
N SER B 50 8.48 -4.63 -1.33
CA SER B 50 7.18 -3.95 -1.29
C SER B 50 7.22 -2.72 -0.36
N ALA B 51 7.81 -2.88 0.80
CA ALA B 51 8.01 -1.75 1.70
C ALA B 51 8.88 -0.67 1.05
N LEU B 52 9.93 -1.06 0.36
CA LEU B 52 10.78 -0.05 -0.25
C LEU B 52 10.05 0.69 -1.37
N ALA B 53 9.20 0.01 -2.14
CA ALA B 53 8.55 0.64 -3.28
C ALA B 53 7.59 1.69 -2.74
N ALA B 54 6.98 1.38 -1.60
CA ALA B 54 6.04 2.30 -0.96
C ALA B 54 6.71 3.47 -0.25
N ASN B 55 7.90 3.29 0.33
CA ASN B 55 8.45 4.28 1.25
C ASN B 55 9.74 4.96 0.88
N LEU B 56 10.45 4.50 -0.17
CA LEU B 56 11.66 5.18 -0.60
C LEU B 56 11.35 6.45 -1.38
N PRO B 57 12.26 7.44 -1.32
CA PRO B 57 12.23 8.62 -2.17
C PRO B 57 12.32 8.31 -3.65
N ALA B 58 11.86 9.28 -4.42
CA ALA B 58 11.63 9.14 -5.85
C ALA B 58 12.76 8.46 -6.62
N GLY B 59 13.95 9.04 -6.51
CA GLY B 59 15.02 8.67 -7.41
C GLY B 59 15.96 7.67 -6.79
N ILE B 60 15.50 6.99 -5.74
CA ILE B 60 16.33 5.94 -5.16
C ILE B 60 15.85 4.59 -5.67
N ALA B 61 16.72 3.91 -6.41
CA ALA B 61 16.35 2.64 -6.97
C ALA B 61 16.44 1.56 -5.88
N PHE B 62 15.76 0.45 -6.11
CA PHE B 62 15.88 -0.67 -5.19
C PHE B 62 15.87 -1.95 -6.00
N GLY B 63 16.39 -3.01 -5.40
CA GLY B 63 16.59 -4.26 -6.11
C GLY B 63 16.89 -5.43 -5.21
N GLY B 64 17.17 -6.57 -5.83
CA GLY B 64 17.40 -7.80 -5.10
C GLY B 64 18.88 -8.09 -4.85
N GLN B 65 19.10 -9.11 -4.05
CA GLN B 65 20.44 -9.57 -3.67
C GLN B 65 20.83 -10.85 -4.41
N ASP B 66 19.89 -11.40 -5.19
CA ASP B 66 20.12 -12.62 -5.96
C ASP B 66 18.92 -12.84 -6.87
N VAL B 67 19.02 -13.76 -7.82
CA VAL B 67 17.91 -14.07 -8.72
C VAL B 67 18.17 -15.46 -9.28
N SER B 68 17.11 -16.19 -9.58
CA SER B 68 17.22 -17.51 -10.18
C SER B 68 17.90 -17.49 -11.56
N ALA B 69 18.54 -18.58 -11.87
CA ALA B 69 19.06 -18.80 -13.21
C ALA B 69 17.95 -19.19 -14.17
N HIS B 70 16.78 -19.55 -13.63
CA HIS B 70 15.65 -20.04 -14.44
C HIS B 70 14.56 -19.01 -14.56
N GLU B 71 13.74 -19.14 -15.59
CA GLU B 71 12.67 -18.18 -15.81
C GLU B 71 11.46 -18.37 -14.88
N SER B 72 11.11 -19.62 -14.69
CA SER B 72 10.02 -20.01 -13.80
C SER B 72 10.09 -21.53 -13.63
N GLY B 73 9.30 -22.07 -12.71
CA GLY B 73 9.20 -23.51 -12.58
C GLY B 73 9.47 -24.13 -11.22
N ALA B 74 9.84 -25.40 -11.26
CA ALA B 74 9.91 -26.25 -10.09
C ALA B 74 11.25 -26.10 -9.41
N TYR B 75 11.46 -24.90 -8.87
CA TYR B 75 12.70 -24.54 -8.17
C TYR B 75 12.34 -23.98 -6.80
N THR B 76 11.95 -24.87 -5.88
CA THR B 76 11.42 -24.42 -4.59
C THR B 76 12.41 -23.49 -3.88
N GLY B 77 11.88 -22.37 -3.42
CA GLY B 77 12.67 -21.40 -2.69
C GLY B 77 13.36 -20.36 -3.54
N GLU B 78 13.39 -20.54 -4.86
CA GLU B 78 14.02 -19.53 -5.73
C GLU B 78 13.03 -18.44 -6.17
N ILE B 79 13.60 -17.28 -6.54
CA ILE B 79 12.84 -16.08 -6.91
C ILE B 79 13.36 -15.61 -8.25
N SER B 80 12.44 -15.38 -9.19
CA SER B 80 12.83 -15.08 -10.56
C SER B 80 13.00 -13.59 -10.88
N ALA B 81 13.61 -13.33 -12.03
CA ALA B 81 13.80 -11.96 -12.49
C ALA B 81 12.45 -11.33 -12.81
N ALA B 82 11.51 -12.11 -13.35
CA ALA B 82 10.16 -11.59 -13.59
C ALA B 82 9.51 -11.14 -12.30
N MET B 83 9.70 -11.91 -11.21
CA MET B 83 9.13 -11.56 -9.93
C MET B 83 9.72 -10.27 -9.36
N LEU B 84 11.04 -10.16 -9.41
CA LEU B 84 11.72 -8.97 -8.92
C LEU B 84 11.23 -7.72 -9.65
N LYS B 85 11.20 -7.82 -10.97
CA LYS B 85 10.79 -6.73 -11.83
C LYS B 85 9.38 -6.28 -11.47
N ASP B 86 8.50 -7.24 -11.23
CA ASP B 86 7.10 -6.93 -11.00
C ASP B 86 6.95 -6.24 -9.67
N ALA B 87 7.84 -6.56 -8.74
CA ALA B 87 7.88 -5.92 -7.44
C ALA B 87 8.44 -4.50 -7.49
N GLY B 88 8.95 -4.10 -8.66
CA GLY B 88 9.49 -2.76 -8.82
C GLY B 88 11.00 -2.64 -8.71
N ALA B 89 11.70 -3.78 -8.59
CA ALA B 89 13.15 -3.79 -8.71
C ALA B 89 13.60 -3.22 -10.03
N SER B 90 14.75 -2.53 -10.00
CA SER B 90 15.39 -2.12 -11.25
C SER B 90 16.82 -2.66 -11.40
N CYS B 91 17.30 -3.38 -10.39
CA CYS B 91 18.67 -3.91 -10.38
C CYS B 91 18.74 -5.14 -9.47
N VAL B 92 19.81 -5.92 -9.61
CA VAL B 92 19.99 -7.07 -8.74
C VAL B 92 21.46 -7.51 -8.68
N VAL B 93 21.90 -7.87 -7.47
CA VAL B 93 23.24 -8.38 -7.26
C VAL B 93 23.28 -9.83 -7.71
N VAL B 94 24.29 -10.17 -8.50
CA VAL B 94 24.52 -11.56 -8.89
C VAL B 94 26.00 -11.92 -8.70
N GLY B 95 26.23 -13.14 -8.22
CA GLY B 95 27.58 -13.60 -7.97
C GLY B 95 28.30 -12.97 -6.80
N HIS B 96 27.55 -12.46 -5.82
CA HIS B 96 28.19 -11.98 -4.60
C HIS B 96 29.05 -13.12 -4.04
N SER B 97 30.19 -12.75 -3.49
CA SER B 97 31.14 -13.71 -2.91
C SER B 97 30.50 -14.68 -1.89
N GLU B 98 29.58 -14.17 -1.08
CA GLU B 98 28.91 -15.00 -0.12
C GLU B 98 28.08 -16.09 -0.82
N ARG B 99 27.54 -15.80 -2.00
CA ARG B 99 26.80 -16.81 -2.73
C ARG B 99 27.74 -17.75 -3.52
N ARG B 100 28.86 -17.24 -4.01
CA ARG B 100 29.82 -18.10 -4.67
C ARG B 100 30.36 -19.11 -3.67
N GLU B 101 30.58 -18.65 -2.45
CA GLU B 101 31.17 -19.50 -1.44
C GLU B 101 30.13 -20.40 -0.75
N TYR B 102 29.09 -19.80 -0.18
CA TYR B 102 28.14 -20.57 0.62
C TYR B 102 27.19 -21.39 -0.25
N HIS B 103 26.96 -20.95 -1.49
CA HIS B 103 25.97 -21.57 -2.33
C HIS B 103 26.58 -22.06 -3.63
N ASP B 104 27.90 -22.10 -3.67
CA ASP B 104 28.61 -22.75 -4.76
C ASP B 104 28.21 -22.24 -6.14
N GLU B 105 27.96 -20.95 -6.25
CA GLU B 105 27.68 -20.39 -7.56
C GLU B 105 28.95 -20.25 -8.41
N SER B 106 28.90 -20.85 -9.60
CA SER B 106 29.98 -20.79 -10.57
C SER B 106 29.91 -19.53 -11.44
N ASP B 107 30.98 -19.24 -12.18
CA ASP B 107 30.93 -18.15 -13.14
C ASP B 107 29.73 -18.30 -14.12
N ALA B 108 29.50 -19.50 -14.63
CA ALA B 108 28.47 -19.68 -15.68
C ALA B 108 27.08 -19.51 -15.10
N THR B 109 26.91 -19.93 -13.85
CA THR B 109 25.69 -19.65 -13.12
C THR B 109 25.46 -18.14 -12.96
N VAL B 110 26.51 -17.40 -12.64
CA VAL B 110 26.40 -15.95 -12.53
C VAL B 110 26.02 -15.30 -13.87
N ALA B 111 26.65 -15.75 -14.96
CA ALA B 111 26.31 -15.24 -16.27
C ALA B 111 24.85 -15.52 -16.57
N ALA B 112 24.40 -16.73 -16.28
CA ALA B 112 23.03 -17.09 -16.55
C ALA B 112 22.07 -16.20 -15.74
N LYS B 113 22.42 -15.93 -14.47
CA LYS B 113 21.58 -15.09 -13.61
C LYS B 113 21.53 -13.66 -14.15
N ALA B 114 22.68 -13.14 -14.54
CA ALA B 114 22.75 -11.81 -15.14
C ALA B 114 21.90 -11.71 -16.42
N ARG B 115 21.93 -12.77 -17.21
CA ARG B 115 21.15 -12.81 -18.44
C ARG B 115 19.67 -12.82 -18.11
N GLN B 116 19.26 -13.51 -17.04
CA GLN B 116 17.84 -13.43 -16.64
C GLN B 116 17.46 -12.01 -16.24
N ALA B 117 18.35 -11.35 -15.55
CA ALA B 117 18.07 -10.00 -15.11
C ALA B 117 17.82 -9.12 -16.33
N GLN B 118 18.73 -9.21 -17.28
CA GLN B 118 18.69 -8.34 -18.45
C GLN B 118 17.47 -8.65 -19.30
N ALA B 119 17.02 -9.91 -19.30
CA ALA B 119 15.86 -10.27 -20.09
C ALA B 119 14.59 -9.68 -19.50
N ASN B 120 14.68 -9.24 -18.26
CA ASN B 120 13.51 -8.74 -17.55
C ASN B 120 13.62 -7.28 -17.10
N GLY B 121 14.42 -6.49 -17.81
CA GLY B 121 14.55 -5.08 -17.50
C GLY B 121 15.23 -4.74 -16.19
N LEU B 122 16.07 -5.63 -15.69
CA LEU B 122 16.87 -5.38 -14.48
C LEU B 122 18.35 -5.15 -14.81
N LEU B 123 18.98 -4.22 -14.11
CA LEU B 123 20.41 -3.98 -14.20
C LEU B 123 21.16 -4.93 -13.27
N PRO B 124 21.87 -5.94 -13.82
CA PRO B 124 22.63 -6.81 -12.92
C PRO B 124 23.92 -6.17 -12.45
N ILE B 125 24.20 -6.33 -11.16
CA ILE B 125 25.44 -5.93 -10.55
C ILE B 125 26.28 -7.19 -10.34
N VAL B 126 27.26 -7.39 -11.20
CA VAL B 126 28.03 -8.64 -11.23
C VAL B 126 29.29 -8.52 -10.38
N CYS B 127 29.38 -9.33 -9.32
CA CYS B 127 30.49 -9.28 -8.37
C CYS B 127 31.61 -10.22 -8.72
N VAL B 128 32.82 -9.67 -8.68
CA VAL B 128 34.05 -10.44 -8.84
C VAL B 128 35.09 -10.02 -7.79
N GLY B 129 36.06 -10.87 -7.54
CA GLY B 129 37.11 -10.53 -6.58
C GLY B 129 37.81 -11.75 -6.05
N GLU B 130 39.07 -11.58 -5.68
CA GLU B 130 39.94 -12.68 -5.32
C GLU B 130 40.01 -12.92 -3.81
N ASN B 131 40.40 -14.13 -3.43
CA ASN B 131 40.63 -14.45 -2.04
C ASN B 131 42.05 -14.04 -1.61
N LEU B 132 42.32 -14.09 -0.31
CA LEU B 132 43.61 -13.65 0.23
C LEU B 132 44.78 -14.42 -0.39
N ASP B 133 44.59 -15.70 -0.60
CA ASP B 133 45.67 -16.52 -1.11
C ASP B 133 46.06 -16.05 -2.54
N VAL B 134 45.08 -15.68 -3.34
CA VAL B 134 45.36 -15.22 -4.70
C VAL B 134 46.09 -13.89 -4.61
N ARG B 135 45.62 -13.04 -3.72
CA ARG B 135 46.19 -11.73 -3.56
C ARG B 135 47.66 -11.84 -3.08
N GLU B 136 47.93 -12.81 -2.20
CA GLU B 136 49.28 -12.98 -1.65
C GLU B 136 50.25 -13.47 -2.72
N ARG B 137 49.72 -14.14 -3.74
CA ARG B 137 50.50 -14.60 -4.89
C ARG B 137 50.73 -13.46 -5.91
N GLY B 138 50.12 -12.31 -5.70
CA GLY B 138 50.19 -11.22 -6.64
C GLY B 138 49.38 -11.40 -7.92
N GLU B 139 48.50 -12.41 -7.93
CA GLU B 139 47.74 -12.78 -9.11
C GLU B 139 46.29 -12.28 -9.12
N HIS B 140 46.00 -11.29 -8.27
CA HIS B 140 44.66 -10.73 -8.16
C HIS B 140 44.07 -10.18 -9.50
N VAL B 141 44.89 -9.58 -10.37
CA VAL B 141 44.37 -9.04 -11.64
C VAL B 141 44.04 -10.16 -12.62
N PRO B 142 45.01 -11.01 -12.96
CA PRO B 142 44.60 -12.04 -13.93
C PRO B 142 43.52 -12.99 -13.41
N GLN B 143 43.50 -13.34 -12.12
CA GLN B 143 42.41 -14.21 -11.66
C GLN B 143 41.06 -13.49 -11.69
N THR B 144 41.02 -12.22 -11.30
CA THR B 144 39.74 -11.54 -11.29
C THR B 144 39.21 -11.31 -12.72
N LEU B 145 40.10 -11.08 -13.68
CA LEU B 145 39.69 -10.87 -15.08
C LEU B 145 39.24 -12.19 -15.68
N ALA B 146 39.84 -13.28 -15.28
CA ALA B 146 39.37 -14.57 -15.76
C ALA B 146 37.96 -14.80 -15.20
N GLN B 147 37.78 -14.46 -13.92
CA GLN B 147 36.48 -14.65 -13.28
C GLN B 147 35.43 -13.74 -13.97
N LEU B 148 35.85 -12.55 -14.36
CA LEU B 148 34.99 -11.59 -15.03
C LEU B 148 34.58 -12.08 -16.42
N ARG B 149 35.52 -12.66 -17.18
CA ARG B 149 35.15 -13.17 -18.51
C ARG B 149 34.09 -14.27 -18.38
N GLY B 150 34.32 -15.20 -17.44
CA GLY B 150 33.37 -16.26 -17.18
C GLY B 150 32.00 -15.73 -16.76
N SER B 151 31.99 -14.72 -15.90
CA SER B 151 30.78 -14.21 -15.30
C SER B 151 29.95 -13.33 -16.22
N LEU B 152 30.58 -12.84 -17.30
CA LEU B 152 29.94 -11.96 -18.30
C LEU B 152 29.75 -12.63 -19.67
N GLU B 153 30.02 -13.91 -19.72
CA GLU B 153 29.77 -14.71 -20.90
C GLU B 153 28.29 -14.64 -21.38
N GLY B 154 28.05 -13.96 -22.48
CA GLY B 154 26.71 -13.79 -22.99
C GLY B 154 25.96 -12.63 -22.36
N VAL B 155 26.63 -11.85 -21.50
CA VAL B 155 25.97 -10.76 -20.77
C VAL B 155 26.17 -9.49 -21.57
N GLY B 156 25.10 -8.72 -21.75
CA GLY B 156 25.15 -7.49 -22.52
C GLY B 156 25.73 -6.33 -21.74
N ALA B 157 25.94 -5.21 -22.43
CA ALA B 157 26.62 -4.04 -21.88
C ALA B 157 25.83 -3.33 -20.79
N ASP B 158 24.53 -3.59 -20.69
CA ASP B 158 23.77 -2.98 -19.60
C ASP B 158 24.02 -3.77 -18.30
N VAL B 159 25.16 -3.52 -17.68
CA VAL B 159 25.67 -4.27 -16.53
C VAL B 159 26.54 -3.33 -15.65
N VAL B 160 26.64 -3.68 -14.39
CA VAL B 160 27.54 -3.02 -13.43
C VAL B 160 28.46 -4.10 -12.93
N VAL B 161 29.75 -3.79 -12.87
CA VAL B 161 30.76 -4.69 -12.31
C VAL B 161 31.18 -4.17 -10.95
N ALA B 162 31.14 -5.04 -9.95
CA ALA B 162 31.57 -4.68 -8.62
C ALA B 162 32.77 -5.54 -8.20
N TYR B 163 33.91 -4.90 -8.02
CA TYR B 163 35.10 -5.57 -7.55
C TYR B 163 35.07 -5.58 -6.03
N GLU B 164 34.91 -6.77 -5.44
CA GLU B 164 34.95 -6.90 -4.00
C GLU B 164 35.96 -7.95 -3.62
N PRO B 165 37.15 -7.53 -3.18
CA PRO B 165 38.12 -8.58 -2.79
C PRO B 165 37.60 -9.32 -1.59
N VAL B 166 37.69 -10.64 -1.61
CA VAL B 166 37.03 -11.41 -0.57
C VAL B 166 37.64 -11.11 0.80
N TRP B 167 38.92 -10.73 0.83
CA TRP B 167 39.61 -10.45 2.09
C TRP B 167 39.20 -9.09 2.68
N ALA B 168 38.41 -8.36 1.91
CA ALA B 168 37.91 -7.06 2.34
C ALA B 168 36.47 -7.12 2.83
N ILE B 169 35.85 -8.27 2.69
CA ILE B 169 34.43 -8.37 2.99
C ILE B 169 34.22 -8.76 4.44
N GLY B 170 33.62 -7.83 5.18
CA GLY B 170 33.28 -8.05 6.58
C GLY B 170 34.44 -8.04 7.55
N THR B 171 35.65 -7.80 7.03
CA THR B 171 36.87 -7.95 7.81
C THR B 171 37.39 -6.64 8.41
N GLY B 172 36.87 -5.52 7.94
CA GLY B 172 37.48 -4.24 8.27
C GLY B 172 38.70 -3.92 7.43
N LYS B 173 39.17 -4.87 6.63
CA LYS B 173 40.38 -4.60 5.83
C LYS B 173 40.07 -4.01 4.45
N THR B 174 39.74 -2.73 4.44
CA THR B 174 39.47 -2.02 3.19
C THR B 174 40.67 -2.01 2.24
N ALA B 175 40.41 -2.19 0.95
CA ALA B 175 41.46 -2.05 -0.03
C ALA B 175 41.90 -0.58 -0.05
N THR B 176 43.18 -0.35 -0.37
CA THR B 176 43.64 1.02 -0.58
C THR B 176 42.98 1.53 -1.83
N ALA B 177 42.82 2.85 -1.93
CA ALA B 177 42.25 3.45 -3.12
C ALA B 177 43.08 3.08 -4.36
N ASP B 178 44.39 2.98 -4.18
CA ASP B 178 45.30 2.59 -5.25
C ASP B 178 44.98 1.16 -5.70
N ASP B 179 44.76 0.26 -4.75
CA ASP B 179 44.45 -1.13 -5.07
C ASP B 179 43.10 -1.26 -5.77
N ALA B 180 42.12 -0.47 -5.32
CA ALA B 180 40.83 -0.39 -6.01
C ALA B 180 40.99 0.06 -7.45
N GLU B 181 41.73 1.15 -7.66
CA GLU B 181 41.92 1.67 -9.01
C GLU B 181 42.71 0.69 -9.90
N GLU B 182 43.66 -0.03 -9.32
CA GLU B 182 44.37 -1.04 -10.07
C GLU B 182 43.39 -1.99 -10.75
N LEU B 183 42.44 -2.54 -9.99
CA LEU B 183 41.52 -3.54 -10.54
C LEU B 183 40.50 -2.87 -11.43
N ALA B 184 40.01 -1.71 -11.01
CA ALA B 184 39.04 -0.97 -11.80
C ALA B 184 39.60 -0.65 -13.19
N ALA B 185 40.87 -0.22 -13.25
CA ALA B 185 41.52 0.04 -14.53
C ALA B 185 41.68 -1.22 -15.38
N ALA B 186 42.09 -2.33 -14.76
CA ALA B 186 42.26 -3.59 -15.50
C ALA B 186 40.92 -4.13 -15.98
N ILE B 187 39.91 -3.93 -15.14
CA ILE B 187 38.55 -4.36 -15.49
C ILE B 187 38.08 -3.55 -16.68
N ARG B 188 38.37 -2.25 -16.71
CA ARG B 188 37.91 -1.48 -17.84
C ARG B 188 38.60 -1.90 -19.15
N GLY B 189 39.86 -2.31 -19.06
CA GLY B 189 40.55 -2.82 -20.23
C GLY B 189 39.86 -4.05 -20.81
N ALA B 190 39.49 -4.97 -19.93
CA ALA B 190 38.79 -6.19 -20.31
C ALA B 190 37.43 -5.85 -20.92
N LEU B 191 36.71 -4.91 -20.30
CA LEU B 191 35.40 -4.49 -20.81
C LEU B 191 35.51 -3.89 -22.21
N ARG B 192 36.59 -3.16 -22.49
CA ARG B 192 36.80 -2.65 -23.84
C ARG B 192 36.97 -3.78 -24.84
N GLU B 193 37.72 -4.81 -24.46
CA GLU B 193 37.91 -5.98 -25.32
C GLU B 193 36.56 -6.64 -25.64
N GLN B 194 35.70 -6.72 -24.64
CA GLN B 194 34.44 -7.44 -24.77
C GLN B 194 33.38 -6.57 -25.40
N TYR B 195 33.37 -5.29 -25.05
CA TYR B 195 32.25 -4.43 -25.39
C TYR B 195 32.61 -3.23 -26.24
N GLY B 196 33.90 -3.03 -26.51
CA GLY B 196 34.32 -1.85 -27.25
C GLY B 196 34.00 -0.55 -26.52
N ALA B 197 33.57 0.44 -27.29
CA ALA B 197 33.28 1.78 -26.80
C ALA B 197 32.24 1.86 -25.70
N ARG B 198 31.29 0.93 -25.68
CA ARG B 198 30.33 0.89 -24.59
C ARG B 198 31.06 0.75 -23.24
N ALA B 199 32.30 0.26 -23.26
CA ALA B 199 33.03 0.03 -22.01
C ALA B 199 33.19 1.31 -21.20
N GLU B 200 33.25 2.45 -21.88
CA GLU B 200 33.51 3.71 -21.19
C GLU B 200 32.31 4.11 -20.33
N GLY B 201 31.13 3.59 -20.64
CA GLY B 201 29.93 3.89 -19.87
C GLY B 201 29.55 2.85 -18.82
N ILE B 202 30.29 1.74 -18.76
CA ILE B 202 29.94 0.65 -17.86
C ILE B 202 30.48 0.99 -16.49
N ARG B 203 29.62 1.03 -15.49
CA ARG B 203 30.08 1.40 -14.15
C ARG B 203 30.82 0.24 -13.45
N VAL B 204 31.97 0.58 -12.90
CA VAL B 204 32.78 -0.38 -12.13
C VAL B 204 32.82 0.11 -10.68
N LEU B 205 32.35 -0.71 -9.76
CA LEU B 205 32.27 -0.32 -8.36
C LEU B 205 33.37 -0.98 -7.57
N TYR B 206 33.67 -0.42 -6.41
CA TYR B 206 34.48 -1.09 -5.41
C TYR B 206 33.61 -1.45 -4.22
N GLY B 207 33.82 -2.64 -3.65
CA GLY B 207 33.14 -3.02 -2.43
C GLY B 207 34.08 -3.74 -1.48
N GLY B 208 33.77 -3.73 -0.18
CA GLY B 208 34.62 -4.38 0.81
C GLY B 208 35.05 -3.44 1.91
N SER B 209 34.30 -3.44 3.02
CA SER B 209 34.61 -2.57 4.16
C SER B 209 34.63 -1.10 3.70
N VAL B 210 33.64 -0.71 2.91
CA VAL B 210 33.49 0.69 2.50
C VAL B 210 32.78 1.40 3.66
N LYS B 211 33.28 2.60 3.99
CA LYS B 211 32.76 3.40 5.09
C LYS B 211 32.79 4.85 4.68
N PRO B 212 32.02 5.69 5.40
CA PRO B 212 32.00 7.14 5.16
C PRO B 212 33.42 7.75 5.11
N GLU B 213 34.34 7.29 5.94
CA GLU B 213 35.70 7.88 5.98
C GLU B 213 36.67 7.44 4.88
N ASN B 214 36.40 6.34 4.18
CA ASN B 214 37.26 5.94 3.06
C ASN B 214 36.63 6.04 1.66
N ILE B 215 35.36 6.41 1.54
CA ILE B 215 34.69 6.19 0.25
C ILE B 215 35.06 7.26 -0.76
N ALA B 216 35.28 8.50 -0.30
CA ALA B 216 35.62 9.59 -1.22
C ALA B 216 36.89 9.28 -2.00
N GLU B 217 37.95 8.88 -1.29
CA GLU B 217 39.22 8.66 -1.96
C GLU B 217 39.16 7.47 -2.95
N ILE B 218 38.41 6.44 -2.61
CA ILE B 218 38.29 5.26 -3.48
C ILE B 218 37.52 5.64 -4.74
N CYS B 219 36.35 6.25 -4.58
CA CYS B 219 35.54 6.60 -5.74
C CYS B 219 36.11 7.77 -6.54
N GLY B 220 37.02 8.53 -5.93
CA GLY B 220 37.67 9.62 -6.65
C GLY B 220 38.66 9.15 -7.71
N LYS B 221 39.04 7.87 -7.71
CA LYS B 221 39.99 7.37 -8.70
C LYS B 221 39.34 7.28 -10.08
N PRO B 222 40.14 7.35 -11.16
CA PRO B 222 39.67 7.50 -12.55
C PRO B 222 38.72 6.41 -13.09
N ASN B 223 38.90 5.16 -12.69
CA ASN B 223 38.08 4.07 -13.22
C ASN B 223 37.08 3.45 -12.24
N VAL B 224 36.97 4.05 -11.05
CA VAL B 224 36.02 3.61 -10.03
C VAL B 224 34.82 4.51 -10.15
N ASN B 225 33.62 3.93 -10.29
CA ASN B 225 32.42 4.72 -10.54
C ASN B 225 31.40 4.67 -9.40
N GLY B 226 31.86 4.27 -8.24
CA GLY B 226 30.99 4.13 -7.10
C GLY B 226 31.38 2.96 -6.21
N ALA B 227 30.44 2.55 -5.36
CA ALA B 227 30.72 1.55 -4.33
C ALA B 227 29.57 0.59 -4.12
N LEU B 228 29.92 -0.62 -3.72
CA LEU B 228 28.96 -1.60 -3.23
C LEU B 228 29.18 -1.69 -1.73
N VAL B 229 28.21 -1.23 -0.95
CA VAL B 229 28.41 -1.06 0.49
C VAL B 229 27.65 -2.11 1.28
N GLY B 230 28.36 -2.78 2.20
CA GLY B 230 27.77 -3.77 3.09
C GLY B 230 27.24 -3.17 4.39
N GLY B 231 27.96 -3.44 5.48
CA GLY B 231 27.58 -3.01 6.81
C GLY B 231 27.25 -1.54 6.98
N ALA B 232 27.99 -0.66 6.31
CA ALA B 232 27.72 0.78 6.45
C ALA B 232 26.39 1.18 5.79
N SER B 233 25.72 0.23 5.13
CA SER B 233 24.44 0.58 4.53
C SER B 233 23.28 0.46 5.53
N LEU B 234 23.52 -0.18 6.66
CA LEU B 234 22.41 -0.55 7.54
C LEU B 234 21.82 0.64 8.32
N LYS B 235 22.62 1.68 8.53
CA LYS B 235 22.21 2.86 9.29
C LYS B 235 22.14 4.10 8.40
N VAL B 236 21.01 4.79 8.43
CA VAL B 236 20.83 5.95 7.56
C VAL B 236 21.95 7.01 7.74
N PRO B 237 22.36 7.30 8.99
CA PRO B 237 23.46 8.29 9.10
C PRO B 237 24.70 7.90 8.32
N ASP B 238 25.03 6.62 8.27
CA ASP B 238 26.21 6.17 7.52
C ASP B 238 25.94 6.42 6.04
N VAL B 239 24.72 6.14 5.60
CA VAL B 239 24.39 6.33 4.18
C VAL B 239 24.56 7.80 3.84
N LEU B 240 24.08 8.64 4.73
CA LEU B 240 24.10 10.08 4.51
C LEU B 240 25.54 10.59 4.46
N GLY B 241 26.41 10.05 5.31
CA GLY B 241 27.82 10.42 5.29
C GLY B 241 28.48 10.00 3.99
N MET B 242 28.16 8.80 3.51
CA MET B 242 28.81 8.28 2.28
C MET B 242 28.36 9.12 1.11
N LEU B 243 27.07 9.48 1.12
CA LEU B 243 26.55 10.30 0.07
C LEU B 243 27.29 11.66 0.05
N ASP B 244 27.48 12.25 1.23
CA ASP B 244 28.21 13.51 1.34
C ASP B 244 29.58 13.41 0.72
N ALA B 245 30.24 12.28 0.96
CA ALA B 245 31.62 12.11 0.51
C ALA B 245 31.68 12.08 -1.01
N LEU B 246 30.55 11.79 -1.66
CA LEU B 246 30.50 11.69 -3.11
C LEU B 246 29.91 12.93 -3.78
N ARG B 247 29.51 13.93 -2.99
CA ARG B 247 28.87 15.13 -3.53
C ARG B 247 29.85 15.99 -4.34
N MET C 4 -33.34 -10.82 -7.80
CA MET C 4 -32.74 -9.60 -7.24
C MET C 4 -31.78 -9.92 -6.07
N GLN C 5 -30.62 -9.28 -6.09
CA GLN C 5 -29.58 -9.48 -5.08
C GLN C 5 -29.74 -8.51 -3.89
N THR C 6 -29.79 -9.03 -2.66
CA THR C 6 -29.84 -8.18 -1.47
C THR C 6 -28.56 -7.34 -1.31
N LEU C 7 -28.73 -6.07 -0.95
CA LEU C 7 -27.58 -5.18 -0.76
C LEU C 7 -27.48 -4.70 0.66
N LEU C 8 -26.39 -5.06 1.32
CA LEU C 8 -26.07 -4.54 2.63
C LEU C 8 -25.05 -3.43 2.47
N ALA C 9 -25.53 -2.20 2.53
CA ALA C 9 -24.69 -1.03 2.34
C ALA C 9 -24.34 -0.46 3.69
N LEU C 10 -23.05 -0.31 3.92
CA LEU C 10 -22.51 0.02 5.22
C LEU C 10 -21.99 1.44 5.21
N ASN C 11 -22.73 2.33 5.86
CA ASN C 11 -22.35 3.75 5.89
C ASN C 11 -21.67 4.10 7.21
N TRP C 12 -20.34 4.17 7.18
CA TRP C 12 -19.56 4.49 8.38
C TRP C 12 -19.79 5.90 8.87
N LYS C 13 -20.32 6.75 8.00
CA LYS C 13 -20.39 8.21 8.25
C LYS C 13 -19.00 8.74 8.57
N MET C 14 -18.88 9.71 9.48
CA MET C 14 -17.57 10.29 9.76
C MET C 14 -16.88 9.54 10.89
N ASN C 15 -16.47 8.32 10.55
CA ASN C 15 -15.75 7.44 11.47
C ASN C 15 -14.64 6.69 10.70
N LYS C 16 -13.53 6.47 11.39
CA LYS C 16 -12.37 5.68 10.95
C LYS C 16 -11.34 6.49 10.15
N THR C 17 -10.16 6.62 10.72
CA THR C 17 -9.00 7.11 10.01
C THR C 17 -8.58 6.05 8.99
N PRO C 18 -7.67 6.43 8.07
CA PRO C 18 -7.26 5.38 7.13
C PRO C 18 -6.64 4.16 7.83
N THR C 19 -5.90 4.41 8.90
CA THR C 19 -5.29 3.34 9.70
C THR C 19 -6.37 2.43 10.27
N GLU C 20 -7.40 3.02 10.88
CA GLU C 20 -8.54 2.26 11.38
C GLU C 20 -9.33 1.56 10.27
N ALA C 21 -9.41 2.15 9.09
CA ALA C 21 -10.14 1.51 7.99
C ALA C 21 -9.43 0.21 7.59
N ARG C 22 -8.10 0.27 7.58
CA ARG C 22 -7.30 -0.90 7.26
C ARG C 22 -7.52 -2.02 8.28
N SER C 23 -7.46 -1.67 9.57
CA SER C 23 -7.59 -2.63 10.65
C SER C 23 -8.92 -3.32 10.59
N TRP C 24 -9.95 -2.53 10.29
CA TRP C 24 -11.29 -3.04 10.18
C TRP C 24 -11.38 -4.02 8.99
N ALA C 25 -10.76 -3.68 7.87
CA ALA C 25 -10.84 -4.51 6.66
C ALA C 25 -10.08 -5.83 6.92
N GLU C 26 -8.93 -5.71 7.60
CA GLU C 26 -8.17 -6.87 8.06
C GLU C 26 -8.98 -7.76 8.98
N GLU C 27 -9.69 -7.17 9.94
CA GLU C 27 -10.50 -7.97 10.83
C GLU C 27 -11.61 -8.66 10.08
N LEU C 28 -12.32 -7.89 9.25
CA LEU C 28 -13.37 -8.45 8.43
C LEU C 28 -12.86 -9.63 7.59
N THR C 29 -11.66 -9.48 7.01
CA THR C 29 -11.08 -10.53 6.19
C THR C 29 -10.93 -11.86 6.94
N THR C 30 -10.66 -11.82 8.24
CA THR C 30 -10.44 -13.05 9.01
C THR C 30 -11.75 -13.72 9.45
N LYS C 31 -12.89 -13.09 9.18
CA LYS C 31 -14.16 -13.63 9.68
C LYS C 31 -15.24 -13.63 8.61
N TYR C 32 -14.95 -13.07 7.44
CA TYR C 32 -15.98 -12.87 6.43
C TYR C 32 -16.27 -14.18 5.70
N ALA C 33 -17.51 -14.61 5.82
CA ALA C 33 -18.03 -15.72 5.04
C ALA C 33 -19.20 -15.18 4.22
N PRO C 34 -19.07 -15.12 2.89
CA PRO C 34 -20.18 -14.64 2.06
C PRO C 34 -21.53 -15.27 2.44
N ALA C 35 -22.60 -14.50 2.27
CA ALA C 35 -23.95 -15.04 2.35
C ALA C 35 -24.42 -15.16 0.91
N GLU C 36 -25.26 -16.16 0.61
CA GLU C 36 -25.77 -16.29 -0.74
C GLU C 36 -26.77 -15.17 -0.94
N GLY C 37 -26.64 -14.48 -2.05
CA GLY C 37 -27.59 -13.42 -2.39
C GLY C 37 -27.35 -12.09 -1.72
N VAL C 38 -26.27 -11.98 -0.93
CA VAL C 38 -25.96 -10.71 -0.24
C VAL C 38 -24.68 -10.08 -0.75
N ASP C 39 -24.80 -8.91 -1.35
CA ASP C 39 -23.66 -8.08 -1.71
C ASP C 39 -23.39 -7.10 -0.59
N LEU C 40 -22.12 -6.89 -0.30
CA LEU C 40 -21.69 -5.89 0.69
C LEU C 40 -21.04 -4.70 -0.02
N ALA C 41 -21.37 -3.51 0.44
CA ALA C 41 -20.70 -2.30 0.01
C ALA C 41 -20.32 -1.49 1.24
N VAL C 42 -19.12 -0.94 1.26
CA VAL C 42 -18.65 -0.15 2.37
C VAL C 42 -18.52 1.29 1.91
N LEU C 43 -19.23 2.20 2.59
CA LEU C 43 -19.26 3.61 2.18
C LEU C 43 -18.50 4.43 3.20
N ALA C 44 -17.34 4.90 2.77
CA ALA C 44 -16.34 5.40 3.68
C ALA C 44 -15.95 6.85 3.43
N PRO C 45 -15.37 7.50 4.46
CA PRO C 45 -14.66 8.77 4.24
C PRO C 45 -13.74 8.64 3.02
N ALA C 46 -13.66 9.66 2.18
CA ALA C 46 -13.04 9.49 0.88
C ALA C 46 -11.57 9.09 0.98
N LEU C 47 -10.87 9.55 2.01
CA LEU C 47 -9.45 9.30 2.14
C LEU C 47 -9.16 7.90 2.75
N ASP C 48 -10.20 7.13 2.99
CA ASP C 48 -10.07 5.73 3.44
C ASP C 48 -10.16 4.72 2.30
N LEU C 49 -10.46 5.21 1.10
CA LEU C 49 -10.77 4.30 0.01
C LEU C 49 -9.54 3.47 -0.37
N SER C 50 -8.37 4.11 -0.33
CA SER C 50 -7.13 3.40 -0.65
C SER C 50 -6.93 2.20 0.27
N ALA C 51 -7.10 2.40 1.57
CA ALA C 51 -7.06 1.32 2.55
C ALA C 51 -8.01 0.18 2.19
N LEU C 52 -9.20 0.50 1.74
CA LEU C 52 -10.17 -0.52 1.43
C LEU C 52 -9.84 -1.22 0.11
N ALA C 53 -9.31 -0.47 -0.84
CA ALA C 53 -8.93 -1.04 -2.13
C ALA C 53 -7.90 -2.15 -1.86
N ALA C 54 -6.99 -1.89 -0.93
CA ALA C 54 -5.87 -2.79 -0.65
C ALA C 54 -6.27 -4.00 0.21
N ASN C 55 -7.18 -3.80 1.17
CA ASN C 55 -7.44 -4.78 2.21
C ASN C 55 -8.84 -5.39 2.35
N LEU C 56 -9.84 -4.91 1.61
CA LEU C 56 -11.14 -5.57 1.66
C LEU C 56 -11.10 -6.85 0.85
N PRO C 57 -11.79 -7.90 1.32
CA PRO C 57 -12.02 -9.09 0.50
C PRO C 57 -12.57 -8.77 -0.88
N ALA C 58 -12.02 -9.46 -1.88
CA ALA C 58 -12.51 -9.35 -3.25
C ALA C 58 -14.02 -9.59 -3.27
N GLY C 59 -14.74 -8.88 -4.13
CA GLY C 59 -16.19 -9.04 -4.20
C GLY C 59 -16.98 -8.07 -3.33
N ILE C 60 -16.32 -7.42 -2.37
CA ILE C 60 -16.97 -6.40 -1.51
C ILE C 60 -16.75 -5.02 -2.11
N ALA C 61 -17.82 -4.36 -2.53
CA ALA C 61 -17.73 -3.02 -3.12
C ALA C 61 -17.39 -1.97 -2.05
N PHE C 62 -16.79 -0.86 -2.46
CA PHE C 62 -16.56 0.25 -1.55
C PHE C 62 -16.75 1.53 -2.34
N GLY C 63 -17.06 2.60 -1.64
CA GLY C 63 -17.46 3.83 -2.29
C GLY C 63 -17.54 4.95 -1.30
N GLY C 64 -18.01 6.11 -1.76
CA GLY C 64 -18.03 7.30 -0.95
C GLY C 64 -19.38 7.63 -0.36
N GLN C 65 -19.37 8.71 0.42
CA GLN C 65 -20.49 9.21 1.17
C GLN C 65 -21.08 10.50 0.62
N ASP C 66 -20.39 11.09 -0.35
CA ASP C 66 -20.83 12.34 -0.99
C ASP C 66 -19.92 12.63 -2.18
N VAL C 67 -20.39 13.44 -3.10
CA VAL C 67 -19.58 13.84 -4.25
C VAL C 67 -19.99 15.24 -4.69
N SER C 68 -19.05 15.96 -5.28
CA SER C 68 -19.32 17.32 -5.77
C SER C 68 -20.36 17.35 -6.89
N ALA C 69 -21.16 18.43 -6.97
CA ALA C 69 -22.06 18.63 -8.11
C ALA C 69 -21.28 19.03 -9.35
N HIS C 70 -20.03 19.44 -9.16
CA HIS C 70 -19.17 19.91 -10.25
C HIS C 70 -18.14 18.86 -10.65
N GLU C 71 -17.63 19.00 -11.87
CA GLU C 71 -16.68 18.07 -12.46
C GLU C 71 -15.27 18.29 -11.92
N SER C 72 -14.90 19.57 -11.83
CA SER C 72 -13.59 20.04 -11.37
C SER C 72 -13.63 21.56 -11.33
N GLY C 73 -12.73 22.18 -10.58
CA GLY C 73 -12.60 23.62 -10.60
C GLY C 73 -12.44 24.24 -9.23
N ALA C 74 -12.81 25.51 -9.16
CA ALA C 74 -12.53 26.33 -8.00
C ALA C 74 -13.57 26.08 -6.92
N TYR C 75 -13.53 24.89 -6.31
CA TYR C 75 -14.48 24.53 -5.27
C TYR C 75 -13.71 23.95 -4.08
N THR C 76 -13.11 24.85 -3.30
CA THR C 76 -12.19 24.42 -2.26
C THR C 76 -12.91 23.46 -1.29
N GLY C 77 -12.28 22.32 -1.02
CA GLY C 77 -12.78 21.38 -0.05
C GLY C 77 -13.67 20.28 -0.62
N GLU C 78 -14.09 20.45 -1.87
CA GLU C 78 -14.96 19.47 -2.53
C GLU C 78 -14.17 18.36 -3.21
N ILE C 79 -14.81 17.20 -3.32
CA ILE C 79 -14.22 16.02 -3.94
C ILE C 79 -15.12 15.53 -5.05
N SER C 80 -14.50 15.27 -6.21
CA SER C 80 -15.25 15.00 -7.44
C SER C 80 -15.50 13.50 -7.69
N ALA C 81 -16.42 13.21 -8.59
CA ALA C 81 -16.70 11.85 -8.98
C ALA C 81 -15.47 11.22 -9.65
N ALA C 82 -14.77 11.99 -10.48
CA ALA C 82 -13.56 11.47 -11.13
C ALA C 82 -12.52 11.07 -10.07
N MET C 83 -12.39 11.90 -9.04
CA MET C 83 -11.47 11.57 -7.94
C MET C 83 -11.86 10.27 -7.27
N LEU C 84 -13.15 10.13 -6.94
CA LEU C 84 -13.61 8.91 -6.28
C LEU C 84 -13.37 7.68 -7.14
N LYS C 85 -13.74 7.76 -8.42
CA LYS C 85 -13.60 6.63 -9.34
C LYS C 85 -12.13 6.23 -9.40
N ASP C 86 -11.26 7.22 -9.54
CA ASP C 86 -9.85 6.94 -9.67
C ASP C 86 -9.31 6.22 -8.41
N ALA C 87 -9.93 6.47 -7.26
CA ALA C 87 -9.52 5.80 -6.02
C ALA C 87 -10.11 4.39 -5.89
N GLY C 88 -10.91 3.99 -6.87
CA GLY C 88 -11.50 2.66 -6.86
C GLY C 88 -12.95 2.59 -6.43
N ALA C 89 -13.56 3.71 -6.10
CA ALA C 89 -14.97 3.71 -5.72
C ALA C 89 -15.80 3.12 -6.86
N SER C 90 -16.81 2.33 -6.53
CA SER C 90 -17.80 1.92 -7.53
C SER C 90 -19.19 2.50 -7.23
N CYS C 91 -19.34 3.19 -6.10
CA CYS C 91 -20.65 3.71 -5.66
C CYS C 91 -20.46 4.92 -4.75
N VAL C 92 -21.53 5.68 -4.52
CA VAL C 92 -21.44 6.84 -3.62
C VAL C 92 -22.83 7.23 -3.16
N VAL C 93 -22.95 7.55 -1.89
CA VAL C 93 -24.20 8.04 -1.32
C VAL C 93 -24.37 9.50 -1.75
N VAL C 94 -25.57 9.85 -2.20
CA VAL C 94 -25.89 11.27 -2.43
C VAL C 94 -27.20 11.64 -1.71
N GLY C 95 -27.29 12.86 -1.21
CA GLY C 95 -28.52 13.33 -0.61
C GLY C 95 -28.88 12.66 0.71
N HIS C 96 -27.89 12.12 1.41
CA HIS C 96 -28.15 11.65 2.78
C HIS C 96 -28.83 12.77 3.55
N SER C 97 -29.78 12.40 4.40
CA SER C 97 -30.54 13.37 5.18
CA SER C 97 -30.54 13.41 5.14
C SER C 97 -29.61 14.31 5.97
N GLU C 98 -28.46 13.80 6.39
CA GLU C 98 -27.55 14.61 7.19
C GLU C 98 -26.97 15.74 6.36
N ARG C 99 -26.79 15.49 5.07
CA ARG C 99 -26.33 16.54 4.18
C ARG C 99 -27.47 17.47 3.73
N ARG C 100 -28.66 16.92 3.55
CA ARG C 100 -29.81 17.76 3.24
C ARG C 100 -30.06 18.75 4.40
N GLU C 101 -29.92 18.26 5.63
CA GLU C 101 -30.05 19.11 6.81
C GLU C 101 -28.84 20.02 7.10
N TYR C 102 -27.66 19.46 7.25
CA TYR C 102 -26.48 20.26 7.65
C TYR C 102 -25.84 21.03 6.54
N HIS C 103 -26.00 20.58 5.29
CA HIS C 103 -25.36 21.30 4.18
C HIS C 103 -26.35 21.82 3.14
N ASP C 104 -27.62 21.91 3.56
CA ASP C 104 -28.70 22.52 2.78
C ASP C 104 -28.78 22.01 1.34
N GLU C 105 -28.53 20.72 1.15
CA GLU C 105 -28.59 20.16 -0.20
C GLU C 105 -30.05 20.01 -0.64
N SER C 106 -30.37 20.60 -1.79
CA SER C 106 -31.71 20.52 -2.35
C SER C 106 -31.87 19.26 -3.22
N ASP C 107 -33.11 18.97 -3.62
CA ASP C 107 -33.36 17.88 -4.53
C ASP C 107 -32.55 18.04 -5.80
N ALA C 108 -32.48 19.27 -6.28
CA ALA C 108 -31.82 19.56 -7.54
C ALA C 108 -30.32 19.28 -7.39
N THR C 109 -29.76 19.66 -6.25
CA THR C 109 -28.34 19.43 -6.00
C THR C 109 -28.06 17.93 -5.96
N VAL C 110 -28.98 17.18 -5.37
CA VAL C 110 -28.81 15.75 -5.24
C VAL C 110 -28.80 15.15 -6.61
N ALA C 111 -29.70 15.59 -7.48
CA ALA C 111 -29.77 15.03 -8.83
C ALA C 111 -28.51 15.35 -9.62
N ALA C 112 -28.02 16.58 -9.47
CA ALA C 112 -26.75 16.96 -10.07
C ALA C 112 -25.62 16.01 -9.59
N LYS C 113 -25.56 15.77 -8.28
CA LYS C 113 -24.56 14.86 -7.71
C LYS C 113 -24.71 13.43 -8.25
N ALA C 114 -25.94 12.93 -8.34
CA ALA C 114 -26.14 11.59 -8.86
C ALA C 114 -25.65 11.54 -10.33
N ARG C 115 -25.89 12.61 -11.09
CA ARG C 115 -25.50 12.64 -12.50
C ARG C 115 -23.97 12.63 -12.65
N GLN C 116 -23.26 13.33 -11.78
CA GLN C 116 -21.79 13.31 -11.77
C GLN C 116 -21.27 11.90 -11.53
N ALA C 117 -21.94 11.21 -10.59
CA ALA C 117 -21.59 9.84 -10.26
C ALA C 117 -21.73 8.96 -11.48
N GLN C 118 -22.89 9.02 -12.13
CA GLN C 118 -23.13 8.17 -13.29
C GLN C 118 -22.22 8.49 -14.46
N ALA C 119 -21.82 9.74 -14.60
CA ALA C 119 -20.93 10.14 -15.67
C ALA C 119 -19.53 9.59 -15.46
N ASN C 120 -19.23 9.11 -14.27
CA ASN C 120 -17.90 8.65 -13.92
C ASN C 120 -17.87 7.17 -13.47
N GLY C 121 -18.85 6.42 -13.90
CA GLY C 121 -18.89 5.00 -13.62
C GLY C 121 -19.12 4.66 -12.14
N LEU C 122 -19.79 5.53 -11.39
CA LEU C 122 -20.17 5.23 -10.01
C LEU C 122 -21.68 5.02 -9.89
N LEU C 123 -22.07 4.07 -9.06
CA LEU C 123 -23.47 3.84 -8.74
C LEU C 123 -23.95 4.76 -7.61
N PRO C 124 -24.78 5.74 -7.94
CA PRO C 124 -25.28 6.60 -6.86
C PRO C 124 -26.37 5.92 -6.01
N ILE C 125 -26.25 6.10 -4.70
CA ILE C 125 -27.26 5.66 -3.78
C ILE C 125 -27.99 6.91 -3.32
N VAL C 126 -29.20 7.13 -3.86
CA VAL C 126 -29.96 8.35 -3.61
C VAL C 126 -30.85 8.17 -2.39
N CYS C 127 -30.67 9.03 -1.39
CA CYS C 127 -31.44 8.93 -0.14
C CYS C 127 -32.65 9.87 -0.19
N VAL C 128 -33.78 9.38 0.32
CA VAL C 128 -35.00 10.19 0.49
C VAL C 128 -35.66 9.72 1.77
N GLY C 129 -36.48 10.56 2.36
CA GLY C 129 -37.25 10.17 3.52
C GLY C 129 -37.80 11.39 4.25
N GLU C 130 -38.95 11.23 4.90
CA GLU C 130 -39.68 12.34 5.52
C GLU C 130 -39.33 12.55 6.98
N ASN C 131 -39.55 13.77 7.49
CA ASN C 131 -39.33 14.02 8.89
C ASN C 131 -40.55 13.66 9.72
N LEU C 132 -40.45 13.85 11.04
CA LEU C 132 -41.51 13.36 11.90
C LEU C 132 -42.84 14.09 11.70
N ASP C 133 -42.78 15.37 11.38
CA ASP C 133 -43.99 16.15 11.17
C ASP C 133 -44.80 15.59 10.03
N VAL C 134 -44.12 15.29 8.92
CA VAL C 134 -44.77 14.78 7.72
C VAL C 134 -45.37 13.42 8.00
N ARG C 135 -44.65 12.58 8.76
CA ARG C 135 -45.14 11.27 9.14
C ARG C 135 -46.38 11.43 9.99
N GLU C 136 -46.39 12.40 10.88
CA GLU C 136 -47.51 12.57 11.79
C GLU C 136 -48.77 13.07 11.05
N ARG C 137 -48.59 13.77 9.95
CA ARG C 137 -49.70 14.19 9.11
C ARG C 137 -50.17 13.05 8.20
N GLY C 138 -49.47 11.93 8.19
CA GLY C 138 -49.80 10.83 7.29
C GLY C 138 -49.44 11.07 5.82
N GLU C 139 -48.56 12.03 5.58
CA GLU C 139 -48.15 12.41 4.23
C GLU C 139 -46.75 11.90 3.82
N HIS C 140 -46.26 10.91 4.55
CA HIS C 140 -44.94 10.33 4.27
C HIS C 140 -44.81 9.82 2.82
N VAL C 141 -45.85 9.22 2.25
CA VAL C 141 -45.74 8.72 0.87
C VAL C 141 -45.69 9.85 -0.17
N PRO C 142 -46.74 10.68 -0.28
CA PRO C 142 -46.69 11.75 -1.29
C PRO C 142 -45.44 12.63 -1.20
N GLN C 143 -45.03 13.03 0.00
CA GLN C 143 -43.88 13.91 0.14
C GLN C 143 -42.57 13.23 -0.27
N THR C 144 -42.43 11.98 0.11
CA THR C 144 -41.21 11.26 -0.20
C THR C 144 -41.13 11.03 -1.71
N LEU C 145 -42.25 10.73 -2.35
CA LEU C 145 -42.20 10.53 -3.79
C LEU C 145 -41.91 11.84 -4.53
N ALA C 146 -42.39 12.96 -4.02
CA ALA C 146 -42.11 14.24 -4.64
C ALA C 146 -40.60 14.53 -4.51
N GLN C 147 -40.07 14.27 -3.32
CA GLN C 147 -38.64 14.36 -3.08
C GLN C 147 -37.85 13.42 -4.04
N LEU C 148 -38.34 12.20 -4.23
CA LEU C 148 -37.71 11.24 -5.16
C LEU C 148 -37.69 11.79 -6.59
N ARG C 149 -38.82 12.32 -7.06
CA ARG C 149 -38.89 12.84 -8.42
CA ARG C 149 -38.90 12.87 -8.41
C ARG C 149 -37.85 13.93 -8.62
N GLY C 150 -37.77 14.87 -7.68
CA GLY C 150 -36.79 15.95 -7.78
C GLY C 150 -35.34 15.45 -7.74
N SER C 151 -35.09 14.51 -6.84
CA SER C 151 -33.74 13.97 -6.61
C SER C 151 -33.28 13.02 -7.71
N LEU C 152 -34.20 12.53 -8.56
CA LEU C 152 -33.84 11.66 -9.70
C LEU C 152 -34.00 12.37 -11.05
N GLU C 153 -34.16 13.68 -11.00
CA GLU C 153 -34.39 14.46 -12.19
C GLU C 153 -33.17 14.43 -13.12
N GLY C 154 -33.29 13.76 -14.27
CA GLY C 154 -32.17 13.56 -15.17
C GLY C 154 -31.21 12.44 -14.76
N VAL C 155 -31.57 11.67 -13.73
CA VAL C 155 -30.73 10.57 -13.24
C VAL C 155 -31.12 9.28 -14.00
N GLY C 156 -30.12 8.55 -14.50
CA GLY C 156 -30.34 7.33 -15.24
C GLY C 156 -30.74 6.17 -14.33
N ALA C 157 -31.13 5.05 -14.92
CA ALA C 157 -31.72 3.93 -14.17
C ALA C 157 -30.68 3.17 -13.38
N ASP C 158 -29.39 3.41 -13.64
CA ASP C 158 -28.34 2.75 -12.86
C ASP C 158 -28.17 3.50 -11.53
N VAL C 159 -29.09 3.24 -10.62
CA VAL C 159 -29.23 4.01 -9.39
C VAL C 159 -29.75 3.07 -8.28
N VAL C 160 -29.41 3.39 -7.04
CA VAL C 160 -30.02 2.76 -5.87
C VAL C 160 -30.81 3.83 -5.14
N VAL C 161 -32.02 3.49 -4.71
CA VAL C 161 -32.83 4.37 -3.85
C VAL C 161 -32.81 3.86 -2.42
N ALA C 162 -32.46 4.73 -1.51
CA ALA C 162 -32.51 4.36 -0.10
C ALA C 162 -33.55 5.20 0.61
N TYR C 163 -34.56 4.56 1.17
CA TYR C 163 -35.57 5.27 1.95
C TYR C 163 -35.15 5.29 3.41
N GLU C 164 -34.88 6.47 3.95
CA GLU C 164 -34.51 6.61 5.33
C GLU C 164 -35.39 7.64 6.01
N PRO C 165 -36.37 7.21 6.79
CA PRO C 165 -37.17 8.21 7.47
C PRO C 165 -36.29 8.96 8.48
N VAL C 166 -36.36 10.28 8.49
CA VAL C 166 -35.40 11.06 9.26
C VAL C 166 -35.57 10.73 10.74
N TRP C 167 -36.81 10.48 11.16
CA TRP C 167 -37.07 10.16 12.56
C TRP C 167 -36.47 8.80 12.97
N ALA C 168 -36.00 8.01 12.00
CA ALA C 168 -35.39 6.71 12.30
C ALA C 168 -33.85 6.76 12.32
N ILE C 169 -33.26 7.90 11.95
CA ILE C 169 -31.80 8.01 11.80
C ILE C 169 -31.16 8.38 13.13
N GLY C 170 -30.42 7.42 13.70
CA GLY C 170 -29.63 7.61 14.90
C GLY C 170 -30.47 7.69 16.17
N THR C 171 -31.76 7.37 16.06
CA THR C 171 -32.72 7.57 17.14
C THR C 171 -33.05 6.27 17.87
N GLY C 172 -32.69 5.13 17.28
CA GLY C 172 -33.16 3.84 17.77
C GLY C 172 -34.57 3.49 17.32
N LYS C 173 -35.29 4.44 16.71
CA LYS C 173 -36.69 4.22 16.35
C LYS C 173 -36.81 3.70 14.92
N THR C 174 -36.58 2.39 14.77
CA THR C 174 -36.63 1.71 13.48
C THR C 174 -38.05 1.68 12.91
N ALA C 175 -38.21 1.92 11.61
CA ALA C 175 -39.54 1.71 11.03
C ALA C 175 -39.89 0.24 11.19
N THR C 176 -41.16 -0.06 11.39
CA THR C 176 -41.60 -1.43 11.29
C THR C 176 -41.32 -1.91 9.87
N ALA C 177 -41.20 -3.22 9.69
CA ALA C 177 -40.97 -3.76 8.35
C ALA C 177 -42.15 -3.38 7.44
N ASP C 178 -43.36 -3.30 8.00
CA ASP C 178 -44.54 -2.95 7.21
C ASP C 178 -44.42 -1.53 6.67
N ASP C 179 -43.99 -0.62 7.52
CA ASP C 179 -43.76 0.74 7.07
C ASP C 179 -42.62 0.86 6.04
N ALA C 180 -41.55 0.08 6.21
CA ALA C 180 -40.48 0.06 5.21
C ALA C 180 -41.07 -0.45 3.88
N GLU C 181 -41.86 -1.52 3.92
CA GLU C 181 -42.46 -2.04 2.69
C GLU C 181 -43.45 -1.06 2.05
N GLU C 182 -44.19 -0.31 2.86
CA GLU C 182 -45.15 0.65 2.31
C GLU C 182 -44.43 1.65 1.40
N LEU C 183 -43.31 2.19 1.90
CA LEU C 183 -42.56 3.16 1.12
C LEU C 183 -41.82 2.52 -0.04
N ALA C 184 -41.20 1.37 0.18
CA ALA C 184 -40.53 0.67 -0.91
C ALA C 184 -41.52 0.34 -2.06
N ALA C 185 -42.70 -0.14 -1.72
CA ALA C 185 -43.72 -0.40 -2.75
C ALA C 185 -44.12 0.90 -3.48
N ALA C 186 -44.26 2.00 -2.72
CA ALA C 186 -44.71 3.26 -3.32
C ALA C 186 -43.62 3.79 -4.25
N ILE C 187 -42.39 3.69 -3.77
CA ILE C 187 -41.22 4.11 -4.50
C ILE C 187 -41.13 3.31 -5.80
N ARG C 188 -41.40 2.02 -5.74
CA ARG C 188 -41.24 1.21 -6.94
C ARG C 188 -42.27 1.60 -7.97
N GLY C 189 -43.46 1.99 -7.50
CA GLY C 189 -44.51 2.45 -8.39
C GLY C 189 -44.04 3.68 -9.13
N ALA C 190 -43.40 4.60 -8.40
CA ALA C 190 -42.91 5.82 -9.02
C ALA C 190 -41.75 5.55 -10.00
N LEU C 191 -40.88 4.59 -9.65
CA LEU C 191 -39.79 4.21 -10.52
C LEU C 191 -40.30 3.61 -11.81
N ARG C 192 -41.35 2.81 -11.73
CA ARG C 192 -41.99 2.31 -12.94
C ARG C 192 -42.44 3.43 -13.86
N GLU C 193 -42.92 4.50 -13.26
CA GLU C 193 -43.40 5.64 -14.00
C GLU C 193 -42.27 6.36 -14.71
N GLN C 194 -41.14 6.46 -14.02
CA GLN C 194 -40.00 7.20 -14.52
CA GLN C 194 -39.99 7.20 -14.52
C GLN C 194 -39.12 6.35 -15.44
N TYR C 195 -39.02 5.05 -15.17
CA TYR C 195 -38.06 4.21 -15.90
C TYR C 195 -38.67 2.99 -16.56
N GLY C 196 -39.97 2.81 -16.44
CA GLY C 196 -40.62 1.64 -17.01
C GLY C 196 -40.06 0.34 -16.46
N ALA C 197 -39.78 -0.59 -17.37
CA ALA C 197 -39.40 -1.96 -17.02
C ALA C 197 -38.14 -2.08 -16.17
N ARG C 198 -37.22 -1.13 -16.35
CA ARG C 198 -35.99 -1.15 -15.57
C ARG C 198 -36.25 -1.02 -14.06
N ALA C 199 -37.39 -0.46 -13.72
CA ALA C 199 -37.75 -0.23 -12.32
C ALA C 199 -37.74 -1.54 -11.54
N GLU C 200 -37.99 -2.64 -12.23
CA GLU C 200 -38.09 -3.90 -11.53
C GLU C 200 -36.73 -4.29 -10.98
N GLY C 201 -35.67 -3.77 -11.60
CA GLY C 201 -34.31 -4.11 -11.23
C GLY C 201 -33.56 -3.08 -10.42
N ILE C 202 -34.20 -1.95 -10.15
CA ILE C 202 -33.62 -0.91 -9.34
C ILE C 202 -33.75 -1.34 -7.90
N ARG C 203 -32.63 -1.38 -7.20
CA ARG C 203 -32.63 -1.73 -5.79
C ARG C 203 -33.14 -0.58 -4.90
N VAL C 204 -34.06 -0.91 -4.01
CA VAL C 204 -34.60 0.03 -3.04
C VAL C 204 -34.25 -0.45 -1.65
N LEU C 205 -33.56 0.38 -0.88
CA LEU C 205 -33.11 0.02 0.47
C LEU C 205 -33.91 0.71 1.55
N TYR C 206 -33.94 0.09 2.73
CA TYR C 206 -34.38 0.75 3.95
C TYR C 206 -33.16 1.15 4.77
N GLY C 207 -33.18 2.34 5.35
CA GLY C 207 -32.12 2.72 6.28
C GLY C 207 -32.77 3.45 7.43
N GLY C 208 -32.14 3.39 8.60
CA GLY C 208 -32.64 4.07 9.79
C GLY C 208 -32.73 3.10 10.97
N SER C 209 -31.73 3.15 11.85
CA SER C 209 -31.64 2.24 12.98
C SER C 209 -31.77 0.76 12.55
N VAL C 210 -31.10 0.36 11.47
CA VAL C 210 -31.06 -1.08 11.10
C VAL C 210 -30.09 -1.78 12.06
N LYS C 211 -30.49 -2.95 12.58
CA LYS C 211 -29.68 -3.75 13.50
C LYS C 211 -29.78 -5.25 13.18
N PRO C 212 -28.82 -6.06 13.68
CA PRO C 212 -28.89 -7.51 13.44
C PRO C 212 -30.24 -8.12 13.81
N GLU C 213 -30.86 -7.68 14.89
CA GLU C 213 -32.15 -8.22 15.28
C GLU C 213 -33.34 -7.85 14.36
N ASN C 214 -33.25 -6.76 13.58
CA ASN C 214 -34.42 -6.34 12.79
C ASN C 214 -34.24 -6.42 11.27
N ILE C 215 -33.02 -6.66 10.80
CA ILE C 215 -32.72 -6.56 9.37
C ILE C 215 -33.36 -7.63 8.47
N ALA C 216 -33.48 -8.87 8.98
CA ALA C 216 -34.06 -9.95 8.20
C ALA C 216 -35.51 -9.66 7.83
N GLU C 217 -36.29 -9.19 8.78
CA GLU C 217 -37.70 -8.96 8.52
C GLU C 217 -37.87 -7.83 7.51
N ILE C 218 -37.04 -6.80 7.62
CA ILE C 218 -37.13 -5.67 6.71
C ILE C 218 -36.72 -6.08 5.29
N CYS C 219 -35.58 -6.73 5.16
CA CYS C 219 -35.10 -7.12 3.83
C CYS C 219 -35.92 -8.24 3.19
N GLY C 220 -36.68 -8.95 4.02
CA GLY C 220 -37.56 -9.99 3.50
C GLY C 220 -38.83 -9.46 2.85
N LYS C 221 -39.12 -8.18 3.03
CA LYS C 221 -40.32 -7.62 2.42
C LYS C 221 -40.14 -7.59 0.92
N PRO C 222 -41.25 -7.69 0.17
CA PRO C 222 -41.18 -7.93 -1.28
C PRO C 222 -40.57 -6.78 -2.11
N ASN C 223 -40.65 -5.53 -1.66
CA ASN C 223 -40.06 -4.45 -2.44
C ASN C 223 -38.80 -3.87 -1.83
N VAL C 224 -38.37 -4.43 -0.70
CA VAL C 224 -37.13 -4.02 -0.06
C VAL C 224 -35.99 -4.93 -0.50
N ASN C 225 -34.89 -4.31 -0.93
CA ASN C 225 -33.83 -5.03 -1.60
C ASN C 225 -32.54 -4.94 -0.81
N GLY C 226 -32.63 -4.46 0.42
CA GLY C 226 -31.44 -4.27 1.20
C GLY C 226 -31.60 -3.20 2.26
N ALA C 227 -30.47 -2.87 2.86
CA ALA C 227 -30.43 -1.99 3.99
C ALA C 227 -29.23 -1.07 3.84
N LEU C 228 -29.42 0.20 4.21
CA LEU C 228 -28.35 1.17 4.31
C LEU C 228 -28.17 1.35 5.80
N VAL C 229 -26.98 0.99 6.29
CA VAL C 229 -26.78 0.76 7.72
C VAL C 229 -25.82 1.78 8.29
N GLY C 230 -26.23 2.44 9.37
CA GLY C 230 -25.40 3.44 10.02
C GLY C 230 -24.48 2.83 11.06
N GLY C 231 -24.83 3.03 12.33
CA GLY C 231 -24.02 2.68 13.47
C GLY C 231 -23.60 1.20 13.57
N ALA C 232 -24.45 0.30 13.11
CA ALA C 232 -24.14 -1.13 13.12
C ALA C 232 -23.06 -1.52 12.09
N SER C 233 -22.65 -0.59 11.23
CA SER C 233 -21.57 -0.87 10.27
C SER C 233 -20.20 -0.75 10.90
N LEU C 234 -20.12 -0.10 12.06
CA LEU C 234 -18.83 0.32 12.62
C LEU C 234 -18.00 -0.83 13.21
N LYS C 235 -18.67 -1.80 13.83
CA LYS C 235 -17.98 -2.94 14.46
C LYS C 235 -18.19 -4.20 13.62
N VAL C 236 -17.09 -4.80 13.22
CA VAL C 236 -17.14 -6.00 12.39
C VAL C 236 -18.10 -7.07 12.94
N PRO C 237 -18.12 -7.30 14.28
CA PRO C 237 -19.07 -8.28 14.83
C PRO C 237 -20.55 -7.95 14.55
N ASP C 238 -20.92 -6.66 14.64
CA ASP C 238 -22.26 -6.25 14.21
C ASP C 238 -22.49 -6.51 12.73
N VAL C 239 -21.49 -6.27 11.89
CA VAL C 239 -21.67 -6.52 10.46
C VAL C 239 -21.94 -8.01 10.26
N LEU C 240 -21.19 -8.84 11.00
CA LEU C 240 -21.27 -10.30 10.87
C LEU C 240 -22.63 -10.79 11.37
N GLY C 241 -23.11 -10.20 12.45
CA GLY C 241 -24.46 -10.46 12.92
C GLY C 241 -25.51 -10.19 11.86
N MET C 242 -25.38 -9.10 11.12
CA MET C 242 -26.42 -8.72 10.17
C MET C 242 -26.41 -9.70 9.05
N LEU C 243 -25.20 -10.02 8.61
CA LEU C 243 -24.96 -11.01 7.58
C LEU C 243 -25.59 -12.35 7.96
N ASP C 244 -25.38 -12.77 9.21
CA ASP C 244 -25.97 -14.02 9.70
C ASP C 244 -27.49 -13.96 9.59
N ALA C 245 -28.07 -12.89 10.12
CA ALA C 245 -29.52 -12.67 10.03
C ALA C 245 -30.04 -12.83 8.61
N LEU C 246 -29.20 -12.52 7.63
CA LEU C 246 -29.61 -12.55 6.23
C LEU C 246 -29.33 -13.86 5.49
N ARG C 247 -28.73 -14.83 6.18
CA ARG C 247 -28.35 -16.09 5.54
C ARG C 247 -29.54 -17.04 5.42
N MET D 4 11.59 35.78 9.57
CA MET D 4 10.49 34.83 9.42
C MET D 4 10.44 34.18 8.03
N GLN D 5 10.13 32.88 7.96
CA GLN D 5 10.09 32.15 6.69
C GLN D 5 8.87 32.53 5.84
N THR D 6 9.09 32.73 4.54
CA THR D 6 8.02 32.97 3.59
C THR D 6 7.27 31.66 3.26
N LEU D 7 5.94 31.69 3.30
CA LEU D 7 5.13 30.48 3.03
C LEU D 7 4.46 30.58 1.66
N LEU D 8 4.74 29.63 0.78
CA LEU D 8 4.08 29.55 -0.51
C LEU D 8 3.09 28.40 -0.44
N ALA D 9 1.84 28.74 -0.14
CA ALA D 9 0.76 27.76 0.06
C ALA D 9 0.05 27.56 -1.25
N LEU D 10 -0.05 26.30 -1.65
CA LEU D 10 -0.55 25.93 -2.97
C LEU D 10 -1.89 25.22 -2.90
N ASN D 11 -2.97 25.94 -3.22
CA ASN D 11 -4.32 25.41 -3.13
C ASN D 11 -4.85 24.99 -4.49
N TRP D 12 -4.79 23.66 -4.71
CA TRP D 12 -5.31 23.04 -5.92
C TRP D 12 -6.81 23.21 -6.09
N LYS D 13 -7.52 23.43 -5.00
CA LYS D 13 -8.97 23.36 -5.00
C LYS D 13 -9.41 22.01 -5.54
N MET D 14 -10.55 21.92 -6.23
CA MET D 14 -11.03 20.61 -6.65
C MET D 14 -10.44 20.23 -8.00
N ASN D 15 -9.17 19.85 -7.96
CA ASN D 15 -8.41 19.48 -9.13
C ASN D 15 -7.45 18.37 -8.73
N LYS D 16 -7.29 17.40 -9.62
CA LYS D 16 -6.31 16.30 -9.55
C LYS D 16 -6.87 15.07 -8.80
N THR D 17 -6.96 13.99 -9.56
CA THR D 17 -7.21 12.66 -9.05
C THR D 17 -5.94 12.23 -8.31
N PRO D 18 -6.01 11.13 -7.53
CA PRO D 18 -4.80 10.66 -6.87
C PRO D 18 -3.71 10.34 -7.88
N THR D 19 -4.09 9.82 -9.04
CA THR D 19 -3.12 9.50 -10.08
C THR D 19 -2.41 10.76 -10.60
N GLU D 20 -3.18 11.81 -10.87
CA GLU D 20 -2.62 13.09 -11.28
C GLU D 20 -1.80 13.74 -10.15
N ALA D 21 -2.26 13.64 -8.90
CA ALA D 21 -1.49 14.15 -7.75
C ALA D 21 -0.11 13.49 -7.68
N ARG D 22 -0.04 12.19 -7.93
CA ARG D 22 1.22 11.48 -7.91
C ARG D 22 2.15 12.01 -9.02
N SER D 23 1.63 12.14 -10.23
CA SER D 23 2.43 12.57 -11.36
CA SER D 23 2.42 12.58 -11.36
C SER D 23 2.99 13.98 -11.14
N TRP D 24 2.16 14.88 -10.65
CA TRP D 24 2.55 16.25 -10.33
C TRP D 24 3.61 16.30 -9.26
N ALA D 25 3.45 15.52 -8.20
CA ALA D 25 4.43 15.52 -7.12
C ALA D 25 5.77 14.93 -7.61
N GLU D 26 5.70 13.96 -8.52
CA GLU D 26 6.90 13.38 -9.10
C GLU D 26 7.63 14.41 -9.96
N GLU D 27 6.89 15.18 -10.75
CA GLU D 27 7.49 16.23 -11.57
C GLU D 27 8.11 17.29 -10.69
N LEU D 28 7.38 17.75 -9.68
CA LEU D 28 7.92 18.76 -8.77
C LEU D 28 9.22 18.29 -8.11
N THR D 29 9.23 17.03 -7.67
CA THR D 29 10.36 16.45 -6.99
C THR D 29 11.62 16.44 -7.87
N THR D 30 11.49 16.15 -9.17
CA THR D 30 12.69 16.15 -10.01
C THR D 30 13.12 17.59 -10.32
N LYS D 31 12.19 18.54 -10.24
CA LYS D 31 12.53 19.92 -10.62
C LYS D 31 12.77 20.90 -9.43
N TYR D 32 12.57 20.44 -8.21
CA TYR D 32 12.51 21.33 -7.06
C TYR D 32 13.88 21.61 -6.51
N ALA D 33 14.29 22.87 -6.54
CA ALA D 33 15.50 23.28 -5.85
C ALA D 33 15.12 24.26 -4.73
N PRO D 34 15.35 23.87 -3.47
CA PRO D 34 14.87 24.73 -2.38
C PRO D 34 15.45 26.14 -2.42
N ALA D 35 14.61 27.08 -1.97
CA ALA D 35 15.00 28.46 -1.67
C ALA D 35 15.00 28.61 -0.15
N GLU D 36 16.14 28.98 0.39
CA GLU D 36 16.39 28.89 1.82
C GLU D 36 15.35 29.55 2.73
N GLY D 37 14.87 30.71 2.31
CA GLY D 37 13.90 31.46 3.08
C GLY D 37 12.43 31.15 2.73
N VAL D 38 12.18 30.03 2.05
CA VAL D 38 10.84 29.72 1.52
C VAL D 38 10.36 28.31 1.80
N ASP D 39 9.17 28.21 2.42
CA ASP D 39 8.52 26.93 2.70
C ASP D 39 7.38 26.70 1.73
N LEU D 40 7.24 25.47 1.28
CA LEU D 40 6.15 25.15 0.35
C LEU D 40 5.16 24.30 1.10
N ALA D 41 3.88 24.52 0.80
CA ALA D 41 2.81 23.65 1.30
C ALA D 41 1.80 23.42 0.19
N VAL D 42 1.41 22.16 0.01
CA VAL D 42 0.43 21.77 -0.99
C VAL D 42 -0.90 21.41 -0.31
N LEU D 43 -1.96 22.11 -0.70
CA LEU D 43 -3.26 21.92 -0.09
C LEU D 43 -4.15 21.20 -1.11
N ALA D 44 -4.41 19.93 -0.84
CA ALA D 44 -5.01 19.04 -1.82
C ALA D 44 -6.35 18.50 -1.36
N PRO D 45 -7.12 17.92 -2.31
CA PRO D 45 -8.29 17.09 -1.98
C PRO D 45 -7.88 15.96 -1.05
N ALA D 46 -8.72 15.68 -0.06
CA ALA D 46 -8.31 14.81 1.05
C ALA D 46 -7.77 13.44 0.57
N LEU D 47 -8.38 12.89 -0.47
CA LEU D 47 -7.95 11.57 -0.95
C LEU D 47 -6.72 11.62 -1.88
N ASP D 48 -6.12 12.80 -2.03
CA ASP D 48 -4.83 12.94 -2.70
C ASP D 48 -3.66 12.96 -1.72
N LEU D 49 -3.95 13.01 -0.41
CA LEU D 49 -2.88 13.23 0.57
C LEU D 49 -1.87 12.08 0.54
N SER D 50 -2.38 10.87 0.40
CA SER D 50 -1.52 9.70 0.35
C SER D 50 -0.52 9.76 -0.83
N ALA D 51 -1.01 10.14 -1.99
CA ALA D 51 -0.13 10.35 -3.13
C ALA D 51 0.97 11.36 -2.79
N LEU D 52 0.62 12.42 -2.07
CA LEU D 52 1.58 13.45 -1.75
C LEU D 52 2.57 12.96 -0.67
N ALA D 53 2.06 12.19 0.26
CA ALA D 53 2.89 11.64 1.35
C ALA D 53 4.02 10.80 0.75
N ALA D 54 3.72 10.09 -0.33
CA ALA D 54 4.67 9.18 -0.93
C ALA D 54 5.61 9.87 -1.94
N ASN D 55 5.19 10.99 -2.52
CA ASN D 55 5.90 11.50 -3.70
C ASN D 55 6.42 12.93 -3.65
N LEU D 56 6.15 13.65 -2.57
CA LEU D 56 6.75 14.98 -2.39
C LEU D 56 8.11 14.87 -1.75
N PRO D 57 9.01 15.81 -2.05
CA PRO D 57 10.23 15.81 -1.23
C PRO D 57 9.91 16.12 0.21
N ALA D 58 10.76 15.72 1.13
CA ALA D 58 10.35 15.67 2.52
C ALA D 58 10.22 17.07 3.08
N GLY D 59 10.91 18.03 2.47
CA GLY D 59 10.82 19.41 2.97
C GLY D 59 9.56 20.17 2.52
N ILE D 60 8.68 19.52 1.77
CA ILE D 60 7.42 20.16 1.32
C ILE D 60 6.22 19.59 2.06
N ALA D 61 5.55 20.47 2.79
CA ALA D 61 4.43 20.11 3.62
C ALA D 61 3.20 19.88 2.75
N PHE D 62 2.23 19.14 3.28
CA PHE D 62 0.95 18.96 2.60
C PHE D 62 -0.19 18.89 3.60
N GLY D 63 -1.37 19.20 3.10
CA GLY D 63 -2.54 19.29 3.95
C GLY D 63 -3.83 19.41 3.20
N GLY D 64 -4.89 19.70 3.94
CA GLY D 64 -6.24 19.69 3.40
C GLY D 64 -6.81 21.06 3.07
N GLN D 65 -7.99 21.02 2.48
CA GLN D 65 -8.68 22.22 2.03
C GLN D 65 -9.91 22.56 2.86
N ASP D 66 -10.24 21.69 3.81
CA ASP D 66 -11.38 21.89 4.69
C ASP D 66 -11.29 20.83 5.74
N VAL D 67 -12.07 20.99 6.82
CA VAL D 67 -12.16 19.96 7.83
C VAL D 67 -13.50 20.12 8.51
N SER D 68 -14.06 19.00 9.00
CA SER D 68 -15.29 19.04 9.78
C SER D 68 -15.13 19.86 11.06
N ALA D 69 -16.22 20.51 11.44
CA ALA D 69 -16.32 21.17 12.72
C ALA D 69 -16.47 20.18 13.87
N HIS D 70 -16.73 18.93 13.54
CA HIS D 70 -17.01 17.90 14.54
C HIS D 70 -15.84 16.95 14.66
N GLU D 71 -15.75 16.25 15.79
CA GLU D 71 -14.66 15.32 16.06
C GLU D 71 -14.82 14.00 15.28
N SER D 72 -16.02 13.46 15.41
CA SER D 72 -16.42 12.24 14.72
C SER D 72 -17.92 12.07 14.90
N GLY D 73 -18.51 11.17 14.15
CA GLY D 73 -19.93 10.89 14.34
C GLY D 73 -20.77 10.87 13.07
N ALA D 74 -22.05 11.15 13.24
CA ALA D 74 -23.01 10.92 12.17
C ALA D 74 -23.10 12.16 11.30
N TYR D 75 -22.03 12.39 10.54
CA TYR D 75 -21.92 13.50 9.62
C TYR D 75 -21.48 13.01 8.26
N THR D 76 -22.43 12.38 7.57
CA THR D 76 -22.15 11.71 6.31
C THR D 76 -21.46 12.67 5.32
N GLY D 77 -20.39 12.20 4.74
CA GLY D 77 -19.63 12.97 3.76
C GLY D 77 -18.59 13.91 4.36
N GLU D 78 -18.55 14.04 5.69
CA GLU D 78 -17.57 14.94 6.27
C GLU D 78 -16.28 14.18 6.61
N ILE D 79 -15.18 14.92 6.69
CA ILE D 79 -13.85 14.37 6.95
C ILE D 79 -13.26 15.10 8.14
N SER D 80 -12.79 14.36 9.14
CA SER D 80 -12.32 14.98 10.38
C SER D 80 -10.85 15.34 10.38
N ALA D 81 -10.48 16.23 11.30
CA ALA D 81 -9.09 16.59 11.56
C ALA D 81 -8.26 15.36 11.93
N ALA D 82 -8.83 14.44 12.71
CA ALA D 82 -8.09 13.23 13.05
C ALA D 82 -7.78 12.44 11.78
N MET D 83 -8.73 12.41 10.85
CA MET D 83 -8.56 11.68 9.62
C MET D 83 -7.42 12.31 8.81
N LEU D 84 -7.44 13.63 8.68
CA LEU D 84 -6.41 14.32 7.89
C LEU D 84 -5.03 14.12 8.51
N LYS D 85 -4.98 14.24 9.83
CA LYS D 85 -3.73 14.05 10.53
C LYS D 85 -3.17 12.65 10.26
N ASP D 86 -4.01 11.63 10.40
CA ASP D 86 -3.57 10.25 10.16
C ASP D 86 -3.00 10.02 8.76
N ALA D 87 -3.57 10.71 7.76
CA ALA D 87 -3.09 10.67 6.38
C ALA D 87 -1.81 11.50 6.17
N GLY D 88 -1.30 12.12 7.22
CA GLY D 88 -0.04 12.85 7.15
C GLY D 88 -0.16 14.35 6.90
N ALA D 89 -1.37 14.90 6.88
CA ALA D 89 -1.50 16.36 6.79
C ALA D 89 -0.83 17.07 7.97
N SER D 90 -0.25 18.24 7.71
CA SER D 90 0.24 19.10 8.79
C SER D 90 -0.47 20.44 8.82
N CYS D 91 -1.38 20.68 7.88
CA CYS D 91 -2.11 21.94 7.83
C CYS D 91 -3.42 21.76 7.08
N VAL D 92 -4.31 22.73 7.23
CA VAL D 92 -5.58 22.67 6.53
C VAL D 92 -6.17 24.07 6.37
N VAL D 93 -6.72 24.32 5.18
CA VAL D 93 -7.41 25.56 4.94
C VAL D 93 -8.77 25.49 5.61
N VAL D 94 -9.15 26.58 6.28
CA VAL D 94 -10.52 26.70 6.80
C VAL D 94 -11.10 28.09 6.50
N GLY D 95 -12.38 28.11 6.16
CA GLY D 95 -13.09 29.34 5.87
C GLY D 95 -12.72 29.95 4.55
N HIS D 96 -12.23 29.16 3.60
CA HIS D 96 -12.03 29.70 2.26
C HIS D 96 -13.35 30.36 1.77
N SER D 97 -13.26 31.49 1.07
CA SER D 97 -14.43 32.22 0.59
CA SER D 97 -14.47 32.20 0.67
C SER D 97 -15.39 31.31 -0.18
N GLU D 98 -14.82 30.37 -0.93
CA GLU D 98 -15.64 29.45 -1.70
C GLU D 98 -16.55 28.63 -0.77
N ARG D 99 -16.04 28.21 0.38
CA ARG D 99 -16.87 27.52 1.36
C ARG D 99 -17.81 28.48 2.15
N ARG D 100 -17.37 29.68 2.44
CA ARG D 100 -18.25 30.64 3.12
C ARG D 100 -19.46 30.94 2.21
N GLU D 101 -19.22 31.02 0.91
CA GLU D 101 -20.29 31.35 -0.04
C GLU D 101 -21.09 30.10 -0.42
N TYR D 102 -20.44 29.08 -0.96
CA TYR D 102 -21.15 27.91 -1.45
C TYR D 102 -21.69 26.98 -0.37
N HIS D 103 -21.13 27.01 0.84
CA HIS D 103 -21.52 26.07 1.86
C HIS D 103 -21.91 26.78 3.14
N ASP D 104 -22.15 28.09 3.05
CA ASP D 104 -22.76 28.84 4.15
C ASP D 104 -21.99 28.74 5.47
N GLU D 105 -20.66 28.66 5.38
CA GLU D 105 -19.86 28.62 6.60
C GLU D 105 -19.81 30.00 7.20
N SER D 106 -20.26 30.10 8.46
CA SER D 106 -20.13 31.33 9.26
C SER D 106 -18.75 31.48 9.91
N ASP D 107 -18.47 32.64 10.47
CA ASP D 107 -17.25 32.86 11.26
C ASP D 107 -17.13 31.84 12.39
N ALA D 108 -18.23 31.58 13.08
CA ALA D 108 -18.26 30.62 14.18
C ALA D 108 -17.93 29.21 13.69
N THR D 109 -18.44 28.86 12.52
CA THR D 109 -18.13 27.55 11.92
C THR D 109 -16.62 27.44 11.65
N VAL D 110 -16.06 28.49 11.06
CA VAL D 110 -14.64 28.54 10.77
C VAL D 110 -13.77 28.43 12.04
N ALA D 111 -14.14 29.15 13.10
CA ALA D 111 -13.40 29.06 14.36
C ALA D 111 -13.43 27.61 14.85
N ALA D 112 -14.59 26.99 14.70
CA ALA D 112 -14.80 25.65 15.23
C ALA D 112 -13.93 24.67 14.47
N LYS D 113 -13.83 24.87 13.16
CA LYS D 113 -12.99 24.05 12.32
C LYS D 113 -11.52 24.25 12.64
N ALA D 114 -11.10 25.49 12.83
CA ALA D 114 -9.73 25.79 13.18
C ALA D 114 -9.36 25.11 14.51
N ARG D 115 -10.31 25.08 15.43
CA ARG D 115 -10.10 24.46 16.74
C ARG D 115 -9.97 22.94 16.58
N GLN D 116 -10.76 22.33 15.70
CA GLN D 116 -10.58 20.92 15.44
C GLN D 116 -9.19 20.66 14.90
N ALA D 117 -8.76 21.51 13.96
CA ALA D 117 -7.45 21.36 13.39
C ALA D 117 -6.39 21.38 14.50
N GLN D 118 -6.44 22.38 15.36
CA GLN D 118 -5.42 22.55 16.39
C GLN D 118 -5.47 21.45 17.41
N ALA D 119 -6.64 20.82 17.60
CA ALA D 119 -6.75 19.73 18.54
C ALA D 119 -6.12 18.45 17.97
N ASN D 120 -5.78 18.44 16.69
CA ASN D 120 -5.24 17.26 16.04
C ASN D 120 -3.88 17.46 15.39
N GLY D 121 -3.14 18.45 15.88
CA GLY D 121 -1.80 18.70 15.40
C GLY D 121 -1.74 19.23 13.97
N LEU D 122 -2.78 19.94 13.54
CA LEU D 122 -2.79 20.58 12.24
C LEU D 122 -2.76 22.11 12.37
N LEU D 123 -2.00 22.75 11.49
CA LEU D 123 -1.95 24.19 11.40
C LEU D 123 -3.09 24.71 10.51
N PRO D 124 -4.08 25.42 11.10
CA PRO D 124 -5.18 25.95 10.31
C PRO D 124 -4.75 27.21 9.58
N ILE D 125 -5.15 27.30 8.31
CA ILE D 125 -4.97 28.47 7.51
C ILE D 125 -6.35 29.12 7.38
N VAL D 126 -6.57 30.18 8.16
CA VAL D 126 -7.88 30.79 8.33
C VAL D 126 -8.05 31.88 7.27
N CYS D 127 -8.98 31.70 6.33
CA CYS D 127 -9.18 32.70 5.27
C CYS D 127 -10.18 33.80 5.65
N VAL D 128 -9.82 35.04 5.35
CA VAL D 128 -10.68 36.19 5.55
C VAL D 128 -10.52 37.15 4.35
N GLY D 129 -11.55 37.96 4.07
CA GLY D 129 -11.45 38.93 2.98
C GLY D 129 -12.81 39.44 2.57
N GLU D 130 -12.85 40.69 2.10
CA GLU D 130 -14.11 41.39 1.80
C GLU D 130 -14.57 41.24 0.35
N ASN D 131 -15.86 41.47 0.11
CA ASN D 131 -16.38 41.46 -1.24
C ASN D 131 -16.23 42.84 -1.90
N LEU D 132 -16.61 42.94 -3.16
CA LEU D 132 -16.34 44.16 -3.95
C LEU D 132 -17.10 45.37 -3.39
N ASP D 133 -18.31 45.13 -2.92
CA ASP D 133 -19.15 46.17 -2.34
C ASP D 133 -18.47 46.83 -1.15
N VAL D 134 -17.97 46.02 -0.22
CA VAL D 134 -17.29 46.54 0.94
C VAL D 134 -16.04 47.33 0.54
N ARG D 135 -15.28 46.80 -0.41
CA ARG D 135 -14.09 47.49 -0.88
C ARG D 135 -14.46 48.85 -1.48
N GLU D 136 -15.55 48.89 -2.24
CA GLU D 136 -15.95 50.16 -2.87
C GLU D 136 -16.37 51.19 -1.82
N ARG D 137 -16.91 50.72 -0.70
CA ARG D 137 -17.27 51.58 0.42
C ARG D 137 -16.01 52.05 1.19
N GLY D 138 -14.87 51.44 0.90
CA GLY D 138 -13.64 51.73 1.62
C GLY D 138 -13.60 51.14 3.04
N GLU D 139 -14.45 50.16 3.30
CA GLU D 139 -14.54 49.57 4.61
C GLU D 139 -13.90 48.17 4.67
N HIS D 140 -12.99 47.88 3.74
CA HIS D 140 -12.28 46.58 3.70
C HIS D 140 -11.55 46.24 5.01
N VAL D 141 -10.91 47.21 5.62
CA VAL D 141 -10.14 46.90 6.82
C VAL D 141 -11.07 46.58 8.02
N PRO D 142 -12.00 47.46 8.39
CA PRO D 142 -12.84 47.10 9.54
C PRO D 142 -13.71 45.86 9.32
N GLN D 143 -14.24 45.63 8.12
CA GLN D 143 -15.03 44.41 7.91
C GLN D 143 -14.18 43.17 7.97
N THR D 144 -12.99 43.22 7.39
CA THR D 144 -12.11 42.05 7.43
C THR D 144 -11.64 41.78 8.85
N LEU D 145 -11.42 42.82 9.66
CA LEU D 145 -10.98 42.55 11.03
C LEU D 145 -12.12 42.02 11.90
N ALA D 146 -13.35 42.39 11.59
CA ALA D 146 -14.47 41.85 12.35
C ALA D 146 -14.64 40.38 11.97
N GLN D 147 -14.48 40.05 10.69
CA GLN D 147 -14.58 38.68 10.21
C GLN D 147 -13.50 37.84 10.86
N LEU D 148 -12.34 38.48 11.07
CA LEU D 148 -11.20 37.81 11.63
C LEU D 148 -11.45 37.45 13.08
N ARG D 149 -11.92 38.45 13.84
CA ARG D 149 -12.22 38.26 15.25
C ARG D 149 -13.19 37.10 15.41
N GLY D 150 -14.29 37.10 14.65
CA GLY D 150 -15.23 36.01 14.74
C GLY D 150 -14.60 34.66 14.41
N SER D 151 -13.74 34.63 13.38
CA SER D 151 -13.16 33.38 12.89
C SER D 151 -12.02 32.81 13.73
N LEU D 152 -11.49 33.64 14.64
CA LEU D 152 -10.40 33.20 15.52
C LEU D 152 -10.85 33.09 16.97
N GLU D 153 -12.16 33.09 17.17
CA GLU D 153 -12.77 33.01 18.48
C GLU D 153 -12.48 31.66 19.13
N GLY D 154 -11.59 31.64 20.12
CA GLY D 154 -11.17 30.41 20.77
C GLY D 154 -10.06 29.69 20.04
N VAL D 155 -9.49 30.35 19.03
CA VAL D 155 -8.44 29.76 18.24
C VAL D 155 -7.10 30.16 18.86
N GLY D 156 -6.20 29.17 18.96
CA GLY D 156 -4.86 29.39 19.48
C GLY D 156 -3.94 30.09 18.48
N ALA D 157 -2.78 30.53 18.97
CA ALA D 157 -1.89 31.37 18.16
C ALA D 157 -1.13 30.57 17.11
N ASP D 158 -1.22 29.24 17.15
CA ASP D 158 -0.61 28.43 16.09
C ASP D 158 -1.59 28.41 14.91
N VAL D 159 -1.51 29.46 14.11
CA VAL D 159 -2.48 29.69 13.05
C VAL D 159 -1.78 30.50 11.98
N VAL D 160 -2.31 30.43 10.77
CA VAL D 160 -1.92 31.29 9.67
C VAL D 160 -3.19 32.04 9.26
N VAL D 161 -3.09 33.33 8.98
CA VAL D 161 -4.21 34.06 8.41
C VAL D 161 -3.94 34.31 6.93
N ALA D 162 -4.87 33.93 6.08
CA ALA D 162 -4.81 34.28 4.67
C ALA D 162 -5.83 35.36 4.33
N TYR D 163 -5.36 36.56 4.01
CA TYR D 163 -6.21 37.61 3.44
C TYR D 163 -6.40 37.35 1.94
N GLU D 164 -7.62 36.98 1.57
CA GLU D 164 -8.00 36.91 0.17
C GLU D 164 -9.25 37.74 -0.10
N PRO D 165 -9.09 38.93 -0.73
CA PRO D 165 -10.30 39.65 -1.10
C PRO D 165 -11.07 38.85 -2.16
N VAL D 166 -12.37 38.77 -1.95
CA VAL D 166 -13.22 37.90 -2.77
C VAL D 166 -13.20 38.37 -4.23
N TRP D 167 -13.12 39.67 -4.45
CA TRP D 167 -13.08 40.22 -5.80
C TRP D 167 -11.77 39.87 -6.51
N ALA D 168 -10.80 39.32 -5.78
CA ALA D 168 -9.53 38.89 -6.37
C ALA D 168 -9.50 37.38 -6.65
N ILE D 169 -10.50 36.65 -6.17
CA ILE D 169 -10.45 35.20 -6.30
C ILE D 169 -10.99 34.75 -7.65
N GLY D 170 -10.09 34.26 -8.49
CA GLY D 170 -10.42 33.70 -9.79
C GLY D 170 -10.72 34.72 -10.88
N THR D 171 -10.52 36.00 -10.56
CA THR D 171 -10.98 37.08 -11.41
C THR D 171 -9.89 37.64 -12.29
N GLY D 172 -8.63 37.32 -11.97
CA GLY D 172 -7.50 37.95 -12.61
C GLY D 172 -7.18 39.31 -11.98
N LYS D 173 -8.01 39.77 -11.04
CA LYS D 173 -7.82 41.12 -10.47
C LYS D 173 -7.06 41.02 -9.15
N THR D 174 -5.74 40.97 -9.26
CA THR D 174 -4.87 40.91 -8.10
C THR D 174 -4.90 42.20 -7.31
N ALA D 175 -4.87 42.12 -5.99
CA ALA D 175 -4.72 43.35 -5.20
C ALA D 175 -3.35 43.96 -5.51
N THR D 176 -3.20 45.28 -5.47
CA THR D 176 -1.88 45.84 -5.50
C THR D 176 -1.09 45.33 -4.27
N ALA D 177 0.23 45.39 -4.33
CA ALA D 177 1.07 45.08 -3.17
C ALA D 177 0.79 46.01 -2.01
N ASP D 178 0.56 47.29 -2.30
CA ASP D 178 0.17 48.23 -1.27
C ASP D 178 -1.13 47.81 -0.58
N ASP D 179 -2.13 47.39 -1.38
CA ASP D 179 -3.41 46.88 -0.84
C ASP D 179 -3.20 45.68 0.06
N ALA D 180 -2.37 44.74 -0.39
CA ALA D 180 -2.07 43.54 0.41
C ALA D 180 -1.46 43.94 1.74
N GLU D 181 -0.50 44.86 1.69
CA GLU D 181 0.23 45.29 2.89
C GLU D 181 -0.70 46.08 3.83
N GLU D 182 -1.60 46.89 3.27
CA GLU D 182 -2.55 47.58 4.13
C GLU D 182 -3.30 46.58 5.04
N LEU D 183 -3.83 45.52 4.47
CA LEU D 183 -4.58 44.57 5.27
C LEU D 183 -3.68 43.74 6.18
N ALA D 184 -2.52 43.32 5.68
CA ALA D 184 -1.64 42.49 6.50
C ALA D 184 -1.19 43.27 7.74
N ALA D 185 -0.93 44.56 7.57
CA ALA D 185 -0.52 45.39 8.69
C ALA D 185 -1.69 45.52 9.70
N ALA D 186 -2.88 45.82 9.19
CA ALA D 186 -4.07 45.93 10.01
C ALA D 186 -4.36 44.60 10.74
N ILE D 187 -4.20 43.50 10.04
CA ILE D 187 -4.42 42.17 10.61
C ILE D 187 -3.40 41.88 11.72
N ARG D 188 -2.14 42.26 11.53
CA ARG D 188 -1.14 42.00 12.56
C ARG D 188 -1.48 42.81 13.83
N GLY D 189 -1.97 44.02 13.62
CA GLY D 189 -2.42 44.85 14.72
C GLY D 189 -3.53 44.18 15.51
N ALA D 190 -4.51 43.59 14.83
CA ALA D 190 -5.59 42.83 15.49
C ALA D 190 -5.06 41.58 16.18
N LEU D 191 -4.11 40.92 15.55
CA LEU D 191 -3.49 39.73 16.14
C LEU D 191 -2.71 40.05 17.44
N ARG D 192 -2.10 41.23 17.51
CA ARG D 192 -1.44 41.68 18.75
C ARG D 192 -2.47 41.89 19.86
N GLU D 193 -3.60 42.51 19.54
CA GLU D 193 -4.66 42.68 20.54
C GLU D 193 -5.10 41.33 21.10
N GLN D 194 -5.15 40.32 20.23
CA GLN D 194 -5.69 39.02 20.62
C GLN D 194 -4.65 38.08 21.20
N TYR D 195 -3.42 38.15 20.69
CA TYR D 195 -2.39 37.20 21.10
C TYR D 195 -1.16 37.85 21.75
N GLY D 196 -1.08 39.18 21.75
CA GLY D 196 0.13 39.87 22.20
C GLY D 196 1.29 39.86 21.19
N ALA D 197 2.51 40.04 21.70
CA ALA D 197 3.67 40.17 20.82
C ALA D 197 3.96 38.87 20.03
N ARG D 198 3.39 37.75 20.47
CA ARG D 198 3.37 36.53 19.66
C ARG D 198 2.89 36.79 18.22
N ALA D 199 2.05 37.80 18.07
CA ALA D 199 1.53 38.18 16.77
C ALA D 199 2.66 38.44 15.77
N GLU D 200 3.83 38.85 16.27
CA GLU D 200 4.96 39.16 15.39
C GLU D 200 5.39 37.92 14.63
N GLY D 201 5.19 36.75 15.23
CA GLY D 201 5.48 35.47 14.60
C GLY D 201 4.31 34.75 13.89
N ILE D 202 3.10 35.35 13.88
CA ILE D 202 2.00 34.74 13.12
C ILE D 202 2.11 35.12 11.64
N ARG D 203 2.14 34.10 10.77
CA ARG D 203 2.27 34.34 9.35
C ARG D 203 0.97 34.85 8.76
N VAL D 204 1.04 35.93 8.00
CA VAL D 204 -0.13 36.46 7.30
C VAL D 204 0.15 36.41 5.81
N LEU D 205 -0.74 35.76 5.05
CA LEU D 205 -0.57 35.59 3.61
C LEU D 205 -1.50 36.50 2.83
N TYR D 206 -1.20 36.67 1.55
CA TYR D 206 -2.11 37.27 0.59
C TYR D 206 -2.49 36.19 -0.42
N GLY D 207 -3.77 36.18 -0.85
CA GLY D 207 -4.20 35.30 -1.91
C GLY D 207 -5.24 36.00 -2.77
N GLY D 208 -5.37 35.55 -4.02
CA GLY D 208 -6.31 36.17 -4.95
C GLY D 208 -5.56 36.58 -6.19
N SER D 209 -5.64 35.71 -7.21
CA SER D 209 -4.94 35.86 -8.49
C SER D 209 -3.45 36.17 -8.32
N VAL D 210 -2.79 35.35 -7.50
CA VAL D 210 -1.34 35.44 -7.38
C VAL D 210 -0.70 34.70 -8.54
N LYS D 211 0.35 35.30 -9.09
CA LYS D 211 1.05 34.80 -10.28
C LYS D 211 2.57 34.94 -10.10
N PRO D 212 3.36 34.16 -10.85
CA PRO D 212 4.82 34.38 -10.81
C PRO D 212 5.18 35.87 -11.00
N GLU D 213 4.46 36.56 -11.88
CA GLU D 213 4.76 37.97 -12.19
C GLU D 213 4.47 38.96 -11.07
N ASN D 214 3.67 38.60 -10.06
CA ASN D 214 3.27 39.61 -9.04
C ASN D 214 3.56 39.22 -7.61
N ILE D 215 3.99 37.98 -7.41
CA ILE D 215 4.09 37.46 -6.06
C ILE D 215 5.24 38.13 -5.28
N ALA D 216 6.32 38.50 -5.96
CA ALA D 216 7.51 39.03 -5.26
C ALA D 216 7.22 40.39 -4.64
N GLU D 217 6.55 41.26 -5.38
CA GLU D 217 6.27 42.59 -4.86
C GLU D 217 5.33 42.50 -3.64
N ILE D 218 4.39 41.57 -3.71
CA ILE D 218 3.45 41.35 -2.63
C ILE D 218 4.13 40.77 -1.38
N CYS D 219 4.88 39.69 -1.54
CA CYS D 219 5.49 39.04 -0.38
C CYS D 219 6.69 39.85 0.13
N GLY D 220 7.15 40.79 -0.68
CA GLY D 220 8.19 41.70 -0.22
C GLY D 220 7.73 42.72 0.80
N LYS D 221 6.42 42.94 0.93
CA LYS D 221 5.91 43.95 1.86
C LYS D 221 6.18 43.52 3.31
N PRO D 222 6.37 44.50 4.22
CA PRO D 222 6.86 44.18 5.58
C PRO D 222 5.97 43.23 6.40
N ASN D 223 4.64 43.28 6.22
CA ASN D 223 3.74 42.43 7.03
C ASN D 223 3.15 41.24 6.31
N VAL D 224 3.46 41.08 5.03
CA VAL D 224 3.10 39.89 4.29
C VAL D 224 4.16 38.80 4.40
N ASN D 225 3.75 37.59 4.76
CA ASN D 225 4.68 36.49 4.99
C ASN D 225 4.55 35.37 3.99
N GLY D 226 3.83 35.63 2.92
CA GLY D 226 3.74 34.65 1.86
C GLY D 226 2.43 34.75 1.11
N ALA D 227 2.12 33.71 0.34
CA ALA D 227 0.96 33.71 -0.53
C ALA D 227 0.15 32.43 -0.41
N LEU D 228 -1.16 32.56 -0.53
CA LEU D 228 -2.06 31.42 -0.74
C LEU D 228 -2.48 31.43 -2.21
N VAL D 229 -2.05 30.42 -2.96
CA VAL D 229 -2.13 30.42 -4.43
C VAL D 229 -3.18 29.44 -4.96
N GLY D 230 -4.06 29.93 -5.81
CA GLY D 230 -5.04 29.07 -6.46
C GLY D 230 -4.55 28.53 -7.79
N GLY D 231 -5.01 29.12 -8.87
CA GLY D 231 -4.77 28.58 -10.21
C GLY D 231 -3.32 28.34 -10.61
N ALA D 232 -2.44 29.24 -10.17
CA ALA D 232 -1.01 29.15 -10.50
C ALA D 232 -0.33 27.96 -9.81
N SER D 233 -1.07 27.22 -8.99
CA SER D 233 -0.50 26.08 -8.28
C SER D 233 -0.65 24.80 -9.06
N LEU D 234 -1.49 24.82 -10.11
CA LEU D 234 -1.87 23.56 -10.77
C LEU D 234 -0.78 23.02 -11.74
N LYS D 235 0.06 23.91 -12.26
CA LYS D 235 1.13 23.50 -13.16
C LYS D 235 2.48 23.76 -12.49
N VAL D 236 3.30 22.71 -12.46
CA VAL D 236 4.60 22.77 -11.81
C VAL D 236 5.48 23.92 -12.33
N PRO D 237 5.48 24.16 -13.65
CA PRO D 237 6.30 25.32 -14.08
C PRO D 237 5.83 26.64 -13.48
N ASP D 238 4.52 26.80 -13.22
CA ASP D 238 4.07 28.02 -12.55
C ASP D 238 4.61 28.03 -11.13
N VAL D 239 4.56 26.89 -10.43
CA VAL D 239 5.07 26.78 -9.07
C VAL D 239 6.57 27.18 -8.99
N LEU D 240 7.38 26.66 -9.92
CA LEU D 240 8.81 26.97 -9.96
C LEU D 240 9.07 28.45 -10.23
N GLY D 241 8.24 29.06 -11.08
CA GLY D 241 8.31 30.47 -11.35
C GLY D 241 8.02 31.31 -10.10
N MET D 242 7.07 30.87 -9.28
CA MET D 242 6.73 31.66 -8.10
C MET D 242 7.86 31.49 -7.10
N LEU D 243 8.41 30.30 -7.08
CA LEU D 243 9.54 30.02 -6.20
C LEU D 243 10.73 30.89 -6.59
N ASP D 244 11.05 30.94 -7.89
CA ASP D 244 12.10 31.87 -8.36
C ASP D 244 11.88 33.28 -7.86
N ALA D 245 10.65 33.75 -8.01
CA ALA D 245 10.29 35.13 -7.65
C ALA D 245 10.58 35.43 -6.20
N LEU D 246 10.51 34.39 -5.38
CA LEU D 246 10.65 34.51 -3.94
C LEU D 246 12.07 34.25 -3.48
N ARG D 247 12.94 33.78 -4.38
CA ARG D 247 14.32 33.48 -3.98
C ARG D 247 15.06 34.75 -3.55
S SO4 E . 3.91 -32.15 -8.70
O1 SO4 E . 4.89 -33.15 -8.33
O2 SO4 E . 4.52 -30.87 -8.95
O3 SO4 E . 3.20 -32.55 -9.91
O4 SO4 E . 2.92 -32.09 -7.61
C1 GOL F . 22.80 -17.12 13.57
O1 GOL F . 22.71 -18.47 13.92
C2 GOL F . 24.25 -16.79 13.26
O2 GOL F . 24.75 -17.81 12.44
C3 GOL F . 24.31 -15.46 12.53
O3 GOL F . 23.26 -14.65 13.00
H2 GOL F . 24.80 -16.72 14.19
HO2 GOL F . 24.22 -17.85 11.61
H31 GOL F . 24.20 -15.62 11.45
H32 GOL F . 25.26 -14.97 12.71
HO3 GOL F . 23.21 -13.82 12.48
C1 GOL G . 5.37 -55.30 2.02
O1 GOL G . 5.60 -55.53 0.63
C2 GOL G . 6.13 -54.04 2.47
O2 GOL G . 5.75 -53.64 3.78
C3 GOL G . 5.85 -52.94 1.44
O3 GOL G . 7.04 -52.50 0.81
H2 GOL G . 7.19 -54.26 2.44
HO2 GOL G . 6.25 -52.84 4.03
H31 GOL G . 5.38 -52.09 1.95
H32 GOL G . 5.15 -53.31 0.69
HO3 GOL G . 7.79 -52.56 1.44
C1 GOL H . 9.50 -45.63 21.97
O1 GOL H . 9.53 -44.83 23.15
C2 GOL H . 8.14 -45.52 21.29
O2 GOL H . 8.15 -46.28 20.10
C3 GOL H . 7.04 -46.05 22.22
O3 GOL H . 5.81 -46.14 21.54
H2 GOL H . 7.93 -44.48 21.06
HO2 GOL H . 8.31 -47.22 20.32
H31 GOL H . 6.94 -45.39 23.07
H32 GOL H . 7.33 -47.03 22.59
HO3 GOL H . 5.17 -45.49 21.92
CA CA I . 5.98 -29.90 -3.62
S SO4 J . 31.39 -4.79 4.62
O1 SO4 J . 32.36 -5.73 4.06
O2 SO4 J . 31.88 -4.28 5.88
O3 SO4 J . 31.16 -3.71 3.64
O4 SO4 J . 30.14 -5.46 4.90
S SO4 K . 14.20 -22.34 -17.54
O1 SO4 K . 15.30 -23.08 -16.88
O2 SO4 K . 14.66 -20.96 -17.82
O3 SO4 K . 13.87 -23.00 -18.81
O4 SO4 K . 13.02 -22.33 -16.69
C1 GOL L . 16.69 -14.44 -3.57
O1 GOL L . 16.11 -14.39 -2.28
C2 GOL L . 16.89 -15.89 -4.00
O2 GOL L . 18.14 -16.39 -3.50
C3 GOL L . 16.83 -15.92 -5.53
O3 GOL L . 16.44 -17.17 -6.03
H2 GOL L . 16.07 -16.50 -3.61
HO2 GOL L . 18.28 -17.31 -3.81
H31 GOL L . 17.82 -15.67 -5.93
H32 GOL L . 16.12 -15.16 -5.88
HO3 GOL L . 17.07 -17.46 -6.72
C1 GOL M . 25.12 18.78 -4.02
O1 GOL M . 25.28 17.49 -3.51
C2 GOL M . 23.79 18.89 -4.77
O2 GOL M . 23.98 18.51 -6.12
C3 GOL M . 23.33 20.34 -4.68
O3 GOL M . 22.23 20.59 -5.52
H2 GOL M . 23.05 18.25 -4.30
HO2 GOL M . 23.14 18.61 -6.61
H31 GOL M . 24.15 21.00 -4.96
H32 GOL M . 23.06 20.57 -3.65
HO3 GOL M . 22.06 21.55 -5.57
C1 GOL N . 32.74 0.20 -30.72
O1 GOL N . 33.68 -0.85 -30.67
C2 GOL N . 31.33 -0.35 -30.54
O2 GOL N . 31.36 -1.76 -30.58
C3 GOL N . 30.71 0.09 -29.20
O3 GOL N . 29.86 -0.92 -28.71
H11 GOL N . 32.96 0.93 -29.94
H12 GOL N . 32.81 0.70 -31.68
HO1 GOL N . 34.58 -0.50 -30.85
H2 GOL N . 30.70 0.03 -31.35
HO2 GOL N . 31.89 -2.11 -29.85
H31 GOL N . 31.50 0.29 -28.48
H32 GOL N . 30.15 1.01 -29.34
HO3 GOL N . 29.11 -1.05 -29.33
CA CA O . 28.48 -6.03 -0.36
CA CA P . 35.66 8.23 -10.37
S SO4 Q . -28.37 4.26 12.52
O1 SO4 Q . -28.68 3.67 13.81
O2 SO4 Q . -27.12 5.02 12.64
O3 SO4 Q . -29.46 5.12 12.08
O4 SO4 Q . -28.24 3.19 11.53
C1 GOL R . -16.78 14.20 -0.02
O1 GOL R . -16.16 13.97 1.24
C2 GOL R . -17.03 15.71 -0.24
O2 GOL R . -18.01 16.17 0.68
C3 GOL R . -17.46 15.88 -1.70
O3 GOL R . -17.44 17.23 -2.12
H2 GOL R . -16.09 16.24 -0.08
HO2 GOL R . -18.19 17.12 0.52
H31 GOL R . -18.48 15.49 -1.82
H32 GOL R . -16.81 15.29 -2.35
HO3 GOL R . -18.25 17.68 -1.83
C1 GOL S . -17.34 21.90 -13.73
O1 GOL S . -16.74 22.32 -14.93
C2 GOL S . -18.85 21.97 -13.88
O2 GOL S . -19.31 20.64 -13.81
C3 GOL S . -19.50 22.82 -12.78
O3 GOL S . -20.69 23.46 -13.24
H2 GOL S . -19.08 22.39 -14.85
HO2 GOL S . -19.11 20.26 -12.94
H31 GOL S . -18.80 23.58 -12.45
H32 GOL S . -19.74 22.19 -11.93
HO3 GOL S . -21.03 24.06 -12.54
NA NA T . -27.13 5.63 6.91
NA NA U . -36.89 -8.59 -0.39
CA CA V . -20.23 19.27 -1.72
S SO4 W . -6.61 32.38 -8.19
O1 SO4 W . -7.45 33.40 -7.57
O2 SO4 W . -5.35 32.34 -7.46
O3 SO4 W . -7.23 31.07 -8.13
O4 SO4 W . -6.40 32.70 -9.57
C1 GOL X . -16.85 18.05 18.73
O1 GOL X . -16.82 19.30 19.41
C2 GOL X . -18.27 17.47 18.58
O2 GOL X . -19.12 18.27 17.76
C3 GOL X . -18.16 16.09 17.96
O3 GOL X . -19.20 15.26 18.40
H11 GOL X . -16.40 18.16 17.75
H12 GOL X . -16.24 17.34 19.30
HO1 GOL X . -15.90 19.58 19.53
H2 GOL X . -18.71 17.37 19.56
HO2 GOL X . -18.75 18.32 16.85
H31 GOL X . -18.20 16.18 16.87
H32 GOL X . -17.20 15.65 18.22
HO3 GOL X . -18.89 14.33 18.43
NA NA Y . -6.85 30.10 -2.87
CA CA Z . -3.99 33.33 -5.54
#